data_3W4U
#
_entry.id   3W4U
#
_cell.length_a   115.540
_cell.length_b   115.540
_cell.length_c   140.900
_cell.angle_alpha   90.00
_cell.angle_beta   90.00
_cell.angle_gamma   120.00
#
_symmetry.space_group_name_H-M   'P 31 2 1'
#
loop_
_entity.id
_entity.type
_entity.pdbx_description
1 polymer 'Hemoglobin subunit zeta'
2 polymer 'Hemoglobin subunit beta'
3 non-polymer 'PROTOPORPHYRIN IX CONTAINING FE'
4 non-polymer 'CARBON MONOXIDE'
5 water water
#
loop_
_entity_poly.entity_id
_entity_poly.type
_entity_poly.pdbx_seq_one_letter_code
_entity_poly.pdbx_strand_id
1 'polypeptide(L)'
;MSLTKTERTIIVSMWAKISTQADTIGTETLERLFLSHPQTKTYFPHFDLHPGSAQLRAHGSKVVAAVGDAVKSIDDIGGA
LSKLSELHAYILRVDPVNFKLLSHCLLVTLAARFPADFTAEAHAAWDKFLSVVSSVLTEKYR
;
A,C,E
2 'polypeptide(L)'
;VHLTPVEKSAVTALWGKVNVDEVGGEALGRLLVVYPWTQRFFESFGDLSTPDAVMGNPKVKAHGKKVLGAFSDGLAHLDN
LKGTFATLSELHCDKLHVDPENFRLLGNVLVCVLAHHFGKEFTPPVQAAYQKVVAGVANALAHKYH
;
B,D,F
#
# COMPACT_ATOMS: atom_id res chain seq x y z
N SER A 2 -6.60 2.70 -21.45
CA SER A 2 -7.07 2.63 -22.87
C SER A 2 -6.65 3.87 -23.68
N LEU A 3 -6.24 3.63 -24.93
CA LEU A 3 -5.77 4.69 -25.82
C LEU A 3 -6.66 4.87 -27.03
N THR A 4 -6.57 6.06 -27.62
CA THR A 4 -7.26 6.44 -28.84
C THR A 4 -6.83 5.46 -29.94
N LYS A 5 -7.50 5.48 -31.08
CA LYS A 5 -7.15 4.61 -32.20
C LYS A 5 -5.90 5.17 -32.89
N THR A 6 -5.87 6.47 -33.08
CA THR A 6 -4.71 7.10 -33.72
C THR A 6 -3.47 6.98 -32.83
N GLU A 7 -3.67 7.06 -31.52
CA GLU A 7 -2.58 6.95 -30.57
C GLU A 7 -2.04 5.53 -30.65
N ARG A 8 -2.92 4.54 -30.62
CA ARG A 8 -2.49 3.15 -30.67
C ARG A 8 -1.71 2.87 -31.93
N THR A 9 -2.08 3.58 -33.00
CA THR A 9 -1.40 3.42 -34.28
C THR A 9 0.04 3.86 -34.13
N ILE A 10 0.25 4.99 -33.47
CA ILE A 10 1.62 5.51 -33.28
C ILE A 10 2.46 4.56 -32.43
N ILE A 11 1.89 4.08 -31.33
CA ILE A 11 2.56 3.15 -30.46
C ILE A 11 2.99 1.89 -31.26
N VAL A 12 2.04 1.30 -32.00
CA VAL A 12 2.34 0.10 -32.78
C VAL A 12 3.45 0.31 -33.82
N SER A 13 3.36 1.40 -34.56
CA SER A 13 4.35 1.73 -35.58
C SER A 13 5.75 1.96 -35.01
N MET A 14 5.85 2.69 -33.91
CA MET A 14 7.15 2.93 -33.31
C MET A 14 7.71 1.64 -32.68
N TRP A 15 6.83 0.79 -32.18
CA TRP A 15 7.27 -0.46 -31.55
C TRP A 15 7.99 -1.31 -32.61
N ALA A 16 7.52 -1.25 -33.86
CA ALA A 16 8.19 -2.00 -34.91
C ALA A 16 9.67 -1.54 -34.98
N LYS A 17 9.92 -0.25 -34.89
CA LYS A 17 11.29 0.26 -34.97
C LYS A 17 12.04 -0.09 -33.70
N ILE A 18 11.38 0.00 -32.55
CA ILE A 18 12.01 -0.35 -31.28
C ILE A 18 12.47 -1.80 -31.25
N SER A 19 11.66 -2.68 -31.81
CA SER A 19 11.97 -4.10 -31.71
C SER A 19 13.30 -4.60 -32.21
N THR A 20 13.84 -3.98 -33.25
CA THR A 20 15.13 -4.40 -33.80
C THR A 20 16.31 -3.81 -33.00
N GLN A 21 16.00 -2.93 -32.06
CA GLN A 21 17.07 -2.30 -31.24
C GLN A 21 16.63 -2.42 -29.78
N ALA A 22 15.81 -3.41 -29.54
CA ALA A 22 15.24 -3.56 -28.22
C ALA A 22 16.31 -3.58 -27.14
N ASP A 23 17.37 -4.36 -27.38
CA ASP A 23 18.41 -4.53 -26.38
C ASP A 23 19.13 -3.24 -26.01
N THR A 24 19.48 -2.42 -26.98
CA THR A 24 20.17 -1.22 -26.62
C THR A 24 19.17 -0.18 -26.15
N ILE A 25 17.92 -0.26 -26.58
CA ILE A 25 16.95 0.70 -26.04
C ILE A 25 16.74 0.41 -24.53
N GLY A 26 16.59 -0.86 -24.17
CA GLY A 26 16.39 -1.20 -22.76
C GLY A 26 17.57 -0.79 -21.91
N THR A 27 18.76 -1.10 -22.41
CA THR A 27 19.98 -0.75 -21.70
C THR A 27 20.13 0.79 -21.55
N GLU A 28 19.95 1.50 -22.64
CA GLU A 28 20.11 2.93 -22.54
C GLU A 28 19.07 3.53 -21.58
N THR A 29 17.88 2.97 -21.58
CA THR A 29 16.83 3.51 -20.73
C THR A 29 17.22 3.37 -19.29
N LEU A 30 17.77 2.21 -18.94
CA LEU A 30 18.20 2.00 -17.57
C LEU A 30 19.43 2.77 -17.19
N GLU A 31 20.38 2.96 -18.12
CA GLU A 31 21.53 3.77 -17.75
C GLU A 31 21.09 5.21 -17.49
N ARG A 32 20.13 5.70 -18.26
CA ARG A 32 19.66 7.08 -18.05
C ARG A 32 18.99 7.17 -16.69
N LEU A 33 18.12 6.20 -16.41
CA LEU A 33 17.42 6.20 -15.13
C LEU A 33 18.35 6.16 -13.91
N PHE A 34 19.25 5.18 -13.91
CA PHE A 34 20.12 4.98 -12.74
C PHE A 34 21.11 6.08 -12.56
N LEU A 35 21.56 6.71 -13.65
CA LEU A 35 22.46 7.85 -13.51
C LEU A 35 21.68 9.13 -13.17
N SER A 36 20.53 9.35 -13.81
CA SER A 36 19.79 10.60 -13.49
C SER A 36 19.09 10.59 -12.17
N HIS A 37 18.56 9.43 -11.80
CA HIS A 37 17.80 9.26 -10.56
C HIS A 37 18.42 8.07 -9.78
N PRO A 38 19.61 8.27 -9.20
CA PRO A 38 20.35 7.23 -8.46
C PRO A 38 19.57 6.51 -7.38
N GLN A 39 18.58 7.19 -6.81
CA GLN A 39 17.81 6.58 -5.74
C GLN A 39 17.02 5.42 -6.24
N THR A 40 16.76 5.35 -7.53
CA THR A 40 15.99 4.22 -7.98
C THR A 40 16.80 2.91 -7.83
N LYS A 41 18.11 3.02 -7.65
CA LYS A 41 18.95 1.82 -7.51
C LYS A 41 18.65 1.07 -6.23
N THR A 42 17.97 1.71 -5.30
CA THR A 42 17.69 1.07 -4.02
C THR A 42 16.87 -0.15 -4.13
N TYR A 43 16.09 -0.26 -5.18
CA TYR A 43 15.28 -1.44 -5.35
C TYR A 43 16.06 -2.64 -5.92
N PHE A 44 17.34 -2.45 -6.26
CA PHE A 44 18.15 -3.53 -6.88
C PHE A 44 19.38 -3.72 -6.06
N PRO A 45 19.20 -3.99 -4.76
CA PRO A 45 20.34 -4.17 -3.85
C PRO A 45 21.47 -5.08 -4.30
N HIS A 46 21.12 -6.22 -4.90
CA HIS A 46 22.19 -7.15 -5.32
C HIS A 46 22.54 -7.07 -6.82
N PHE A 47 22.19 -5.96 -7.47
CA PHE A 47 22.51 -5.87 -8.87
C PHE A 47 23.74 -5.02 -8.98
N ASP A 48 24.50 -5.25 -10.03
CA ASP A 48 25.59 -4.37 -10.29
C ASP A 48 24.92 -3.42 -11.32
N LEU A 49 24.64 -2.17 -10.91
CA LEU A 49 23.99 -1.20 -11.81
C LEU A 49 24.87 -0.10 -12.35
N HIS A 50 26.18 -0.33 -12.38
CA HIS A 50 27.11 0.63 -12.96
C HIS A 50 26.99 0.60 -14.50
N PRO A 51 27.25 1.74 -15.20
CA PRO A 51 27.13 1.69 -16.66
C PRO A 51 27.93 0.56 -17.30
N GLY A 52 27.35 -0.06 -18.33
CA GLY A 52 28.05 -1.14 -19.01
C GLY A 52 27.88 -2.49 -18.32
N SER A 53 27.33 -2.48 -17.11
CA SER A 53 27.14 -3.74 -16.41
C SER A 53 26.32 -4.72 -17.27
N ALA A 54 26.71 -5.98 -17.34
CA ALA A 54 25.95 -6.97 -18.12
C ALA A 54 24.59 -7.24 -17.41
N GLN A 55 24.56 -7.05 -16.10
CA GLN A 55 23.31 -7.28 -15.35
C GLN A 55 22.30 -6.14 -15.69
N LEU A 56 22.80 -4.92 -15.84
CA LEU A 56 21.94 -3.80 -16.16
C LEU A 56 21.41 -4.04 -17.59
N ARG A 57 22.31 -4.42 -18.51
CA ARG A 57 21.88 -4.70 -19.89
C ARG A 57 20.81 -5.79 -19.91
N ALA A 58 21.05 -6.86 -19.17
CA ALA A 58 20.06 -7.94 -19.13
C ALA A 58 18.69 -7.51 -18.59
N HIS A 59 18.67 -6.69 -17.54
CA HIS A 59 17.38 -6.26 -17.01
C HIS A 59 16.66 -5.38 -18.05
N GLY A 60 17.43 -4.51 -18.69
CA GLY A 60 16.83 -3.64 -19.71
C GLY A 60 16.10 -4.40 -20.82
N SER A 61 16.64 -5.55 -21.23
CA SER A 61 15.99 -6.34 -22.29
C SER A 61 14.68 -6.84 -21.76
N LYS A 62 14.66 -7.20 -20.48
CA LYS A 62 13.39 -7.70 -19.92
C LYS A 62 12.36 -6.56 -19.83
N VAL A 63 12.84 -5.34 -19.56
CA VAL A 63 11.88 -4.21 -19.47
C VAL A 63 11.26 -3.94 -20.84
N VAL A 64 12.13 -3.86 -21.85
CA VAL A 64 11.62 -3.60 -23.17
C VAL A 64 10.72 -4.75 -23.65
N ALA A 65 11.02 -5.99 -23.25
CA ALA A 65 10.16 -7.11 -23.68
C ALA A 65 8.77 -6.93 -23.12
N ALA A 66 8.68 -6.49 -21.86
CA ALA A 66 7.35 -6.29 -21.20
C ALA A 66 6.57 -5.17 -21.85
N VAL A 67 7.27 -4.13 -22.29
CA VAL A 67 6.63 -3.01 -22.96
C VAL A 67 6.02 -3.63 -24.25
N GLY A 68 6.82 -4.48 -24.89
CA GLY A 68 6.40 -5.21 -26.09
C GLY A 68 5.08 -6.01 -25.91
N ASP A 69 4.92 -6.67 -24.77
CA ASP A 69 3.73 -7.42 -24.46
C ASP A 69 2.50 -6.52 -24.35
N ALA A 70 2.72 -5.32 -23.79
CA ALA A 70 1.65 -4.33 -23.63
C ALA A 70 1.25 -3.84 -25.01
N VAL A 71 2.22 -3.67 -25.88
CA VAL A 71 1.90 -3.21 -27.22
C VAL A 71 1.08 -4.30 -27.92
N LYS A 72 1.53 -5.54 -27.81
CA LYS A 72 0.83 -6.69 -28.45
C LYS A 72 -0.65 -6.75 -27.99
N SER A 73 -0.90 -6.46 -26.72
CA SER A 73 -2.24 -6.44 -26.15
C SER A 73 -2.53 -5.03 -25.71
N ILE A 74 -2.35 -4.08 -26.62
CA ILE A 74 -2.55 -2.68 -26.33
C ILE A 74 -3.99 -2.36 -25.99
N ASP A 75 -4.91 -3.22 -26.40
CA ASP A 75 -6.32 -3.02 -26.10
C ASP A 75 -6.75 -3.66 -24.79
N ASP A 76 -5.82 -4.36 -24.15
CA ASP A 76 -6.10 -4.96 -22.87
C ASP A 76 -4.82 -4.99 -22.09
N ILE A 77 -4.26 -3.82 -21.82
CA ILE A 77 -2.99 -3.74 -21.12
C ILE A 77 -2.97 -4.36 -19.74
N GLY A 78 -3.92 -4.02 -18.88
CA GLY A 78 -3.94 -4.59 -17.54
C GLY A 78 -4.00 -6.11 -17.55
N GLY A 79 -4.71 -6.65 -18.51
CA GLY A 79 -4.83 -8.09 -18.62
C GLY A 79 -3.48 -8.70 -18.96
N ALA A 80 -2.84 -8.18 -20.00
CA ALA A 80 -1.55 -8.71 -20.42
C ALA A 80 -0.43 -8.63 -19.37
N LEU A 81 -0.41 -7.56 -18.58
CA LEU A 81 0.63 -7.37 -17.59
C LEU A 81 0.29 -7.89 -16.17
N SER A 82 -0.80 -8.63 -16.06
CA SER A 82 -1.28 -9.18 -14.79
C SER A 82 -0.22 -9.65 -13.81
N LYS A 83 0.62 -10.59 -14.20
CA LYS A 83 1.67 -11.10 -13.30
C LYS A 83 2.75 -10.08 -12.93
N LEU A 84 3.03 -9.21 -13.89
CA LEU A 84 4.03 -8.20 -13.70
C LEU A 84 3.47 -7.18 -12.72
N SER A 85 2.17 -6.94 -12.82
CA SER A 85 1.51 -6.01 -11.93
C SER A 85 1.60 -6.57 -10.48
N GLU A 86 1.30 -7.85 -10.32
CA GLU A 86 1.36 -8.48 -9.01
C GLU A 86 2.77 -8.39 -8.49
N LEU A 87 3.76 -8.55 -9.36
CA LEU A 87 5.14 -8.49 -8.92
C LEU A 87 5.56 -7.10 -8.40
N HIS A 88 5.31 -6.06 -9.18
CA HIS A 88 5.72 -4.72 -8.74
C HIS A 88 4.89 -4.15 -7.61
N ALA A 89 3.65 -4.60 -7.48
CA ALA A 89 2.78 -4.12 -6.42
C ALA A 89 2.93 -4.98 -5.12
N TYR A 90 2.32 -6.18 -5.12
CA TYR A 90 2.38 -7.10 -3.97
C TYR A 90 3.81 -7.39 -3.49
N ILE A 91 4.69 -7.82 -4.39
CA ILE A 91 6.03 -8.18 -3.95
C ILE A 91 7.09 -7.10 -3.89
N LEU A 92 7.33 -6.36 -4.95
CA LEU A 92 8.41 -5.39 -4.89
C LEU A 92 8.08 -4.13 -4.12
N ARG A 93 6.79 -3.78 -4.11
CA ARG A 93 6.29 -2.57 -3.47
C ARG A 93 7.12 -1.34 -3.94
N VAL A 94 7.15 -1.10 -5.25
CA VAL A 94 7.90 0.04 -5.79
C VAL A 94 7.06 1.31 -5.68
N ASP A 95 7.63 2.35 -5.09
CA ASP A 95 6.85 3.59 -4.96
C ASP A 95 6.41 4.10 -6.37
N PRO A 96 5.20 4.68 -6.51
CA PRO A 96 4.77 5.16 -7.83
C PRO A 96 5.63 6.18 -8.52
N VAL A 97 6.30 7.03 -7.74
CA VAL A 97 7.10 8.06 -8.41
C VAL A 97 8.18 7.44 -9.33
N ASN A 98 8.75 6.30 -8.93
CA ASN A 98 9.79 5.70 -9.73
C ASN A 98 9.33 5.33 -11.17
N PHE A 99 8.04 5.03 -11.36
CA PHE A 99 7.59 4.65 -12.72
C PHE A 99 7.61 5.84 -13.62
N LYS A 100 7.31 7.03 -13.07
CA LYS A 100 7.35 8.24 -13.86
C LYS A 100 8.80 8.51 -14.30
N LEU A 101 9.76 8.22 -13.42
CA LEU A 101 11.16 8.45 -13.73
C LEU A 101 11.64 7.53 -14.86
N LEU A 102 11.25 6.26 -14.80
CA LEU A 102 11.62 5.31 -15.87
C LEU A 102 10.97 5.75 -17.18
N SER A 103 9.65 6.05 -17.15
CA SER A 103 8.88 6.48 -18.34
C SER A 103 9.56 7.66 -19.04
N HIS A 104 9.93 8.68 -18.25
CA HIS A 104 10.65 9.84 -18.79
C HIS A 104 11.95 9.37 -19.46
N CYS A 105 12.76 8.55 -18.80
CA CYS A 105 14.00 8.04 -19.44
C CYS A 105 13.77 7.23 -20.73
N LEU A 106 12.70 6.43 -20.81
CA LEU A 106 12.38 5.74 -22.04
C LEU A 106 12.00 6.79 -23.09
N LEU A 107 11.22 7.80 -22.72
CA LEU A 107 10.87 8.81 -23.73
C LEU A 107 12.13 9.51 -24.27
N VAL A 108 13.03 9.85 -23.37
CA VAL A 108 14.28 10.52 -23.76
C VAL A 108 15.01 9.58 -24.71
N THR A 109 15.04 8.29 -24.38
CA THR A 109 15.71 7.34 -25.26
C THR A 109 15.13 7.28 -26.70
N LEU A 110 13.81 7.29 -26.78
CA LEU A 110 13.11 7.25 -28.04
C LEU A 110 13.27 8.54 -28.81
N ALA A 111 13.26 9.67 -28.11
CA ALA A 111 13.45 10.97 -28.76
C ALA A 111 14.84 11.03 -29.44
N ALA A 112 15.86 10.53 -28.75
CA ALA A 112 17.19 10.57 -29.35
C ALA A 112 17.39 9.50 -30.42
N ARG A 113 16.69 8.38 -30.35
CA ARG A 113 16.91 7.28 -31.31
C ARG A 113 16.08 7.37 -32.62
N PHE A 114 14.87 7.90 -32.51
CA PHE A 114 13.95 7.99 -33.65
C PHE A 114 13.46 9.43 -33.74
N PRO A 115 14.36 10.39 -34.02
CA PRO A 115 13.87 11.77 -34.06
C PRO A 115 12.73 12.15 -35.02
N ALA A 116 12.74 11.54 -36.22
CA ALA A 116 11.71 11.83 -37.22
C ALA A 116 10.35 11.31 -36.77
N ASP A 117 10.30 10.15 -36.13
CA ASP A 117 9.03 9.68 -35.66
C ASP A 117 8.60 10.26 -34.31
N PHE A 118 9.51 10.81 -33.53
CA PHE A 118 9.12 11.34 -32.25
C PHE A 118 8.58 12.81 -32.32
N THR A 119 7.45 12.94 -32.99
CA THR A 119 6.76 14.22 -33.11
C THR A 119 6.13 14.53 -31.77
N ALA A 120 5.50 15.71 -31.67
CA ALA A 120 4.84 16.09 -30.42
C ALA A 120 3.69 15.16 -30.25
N GLU A 121 3.05 14.79 -31.36
CA GLU A 121 1.92 13.87 -31.29
C GLU A 121 2.35 12.46 -30.81
N ALA A 122 3.46 11.96 -31.31
CA ALA A 122 3.94 10.60 -30.91
C ALA A 122 4.39 10.66 -29.43
N HIS A 123 5.01 11.78 -29.06
CA HIS A 123 5.49 12.02 -27.68
C HIS A 123 4.28 11.94 -26.80
N ALA A 124 3.20 12.64 -27.18
CA ALA A 124 2.01 12.55 -26.34
C ALA A 124 1.46 11.13 -26.27
N ALA A 125 1.43 10.42 -27.42
CA ALA A 125 0.90 9.02 -27.43
C ALA A 125 1.72 8.12 -26.50
N TRP A 126 3.08 8.22 -26.60
CA TRP A 126 3.95 7.44 -25.75
C TRP A 126 3.81 7.84 -24.27
N ASP A 127 3.74 9.13 -23.97
CA ASP A 127 3.60 9.52 -22.57
C ASP A 127 2.33 8.89 -22.00
N LYS A 128 1.24 8.94 -22.76
CA LYS A 128 -0.03 8.34 -22.29
C LYS A 128 0.03 6.80 -22.18
N PHE A 129 0.65 6.14 -23.14
CA PHE A 129 0.76 4.68 -23.11
C PHE A 129 1.59 4.24 -21.90
N LEU A 130 2.73 4.89 -21.68
CA LEU A 130 3.53 4.52 -20.51
C LEU A 130 2.79 4.92 -19.18
N SER A 131 1.92 5.94 -19.19
CA SER A 131 1.19 6.25 -17.94
C SER A 131 0.18 5.11 -17.66
N VAL A 132 -0.45 4.55 -18.70
CA VAL A 132 -1.39 3.41 -18.55
C VAL A 132 -0.58 2.21 -18.04
N VAL A 133 0.55 1.91 -18.69
CA VAL A 133 1.41 0.84 -18.23
C VAL A 133 1.82 1.06 -16.78
N SER A 134 2.24 2.28 -16.44
CA SER A 134 2.65 2.57 -15.05
C SER A 134 1.51 2.35 -14.05
N SER A 135 0.33 2.79 -14.43
CA SER A 135 -0.84 2.61 -13.55
C SER A 135 -1.20 1.16 -13.38
N VAL A 136 -1.10 0.39 -14.44
CA VAL A 136 -1.40 -1.03 -14.34
C VAL A 136 -0.39 -1.73 -13.44
N LEU A 137 0.85 -1.28 -13.47
CA LEU A 137 1.90 -1.87 -12.65
C LEU A 137 2.00 -1.42 -11.17
N THR A 138 1.30 -0.36 -10.82
CA THR A 138 1.39 0.14 -9.45
C THR A 138 0.25 -0.29 -8.50
N GLU A 139 0.59 -0.37 -7.21
CA GLU A 139 -0.36 -0.74 -6.17
C GLU A 139 -1.42 0.34 -6.18
N LYS A 140 -2.67 -0.05 -6.40
CA LYS A 140 -3.74 0.94 -6.46
C LYS A 140 -3.82 1.83 -5.22
N TYR A 141 -4.03 3.12 -5.47
CA TYR A 141 -4.15 4.16 -4.45
C TYR A 141 -2.87 4.57 -3.71
N ARG A 142 -1.79 3.80 -3.86
CA ARG A 142 -0.56 4.18 -3.16
C ARG A 142 0.02 5.51 -3.66
N HIS B 2 26.17 20.50 -6.11
CA HIS B 2 25.65 21.20 -7.31
C HIS B 2 26.05 20.43 -8.58
N LEU B 3 26.76 21.11 -9.48
CA LEU B 3 27.27 20.51 -10.72
C LEU B 3 28.80 20.43 -10.70
N THR B 4 29.32 19.24 -11.01
CA THR B 4 30.77 19.04 -11.00
C THR B 4 31.43 19.73 -12.14
N PRO B 5 32.75 19.82 -12.12
CA PRO B 5 33.33 20.50 -13.28
C PRO B 5 32.91 19.81 -14.60
N VAL B 6 32.84 18.48 -14.58
CA VAL B 6 32.46 17.76 -15.79
C VAL B 6 31.04 18.10 -16.23
N GLU B 7 30.11 18.06 -15.30
CA GLU B 7 28.69 18.34 -15.59
C GLU B 7 28.43 19.78 -16.03
N LYS B 8 28.99 20.73 -15.31
CA LYS B 8 28.79 22.12 -15.68
C LYS B 8 29.42 22.41 -17.02
N SER B 9 30.59 21.82 -17.34
CA SER B 9 31.16 22.11 -18.64
C SER B 9 30.38 21.42 -19.71
N ALA B 10 29.77 20.26 -19.37
CA ALA B 10 29.04 19.54 -20.45
C ALA B 10 27.73 20.29 -20.77
N VAL B 11 27.01 20.74 -19.76
CA VAL B 11 25.78 21.48 -20.09
C VAL B 11 26.12 22.80 -20.77
N THR B 12 27.22 23.44 -20.35
CA THR B 12 27.58 24.73 -20.97
C THR B 12 27.95 24.54 -22.44
N ALA B 13 28.77 23.50 -22.70
CA ALA B 13 29.21 23.21 -24.06
C ALA B 13 28.08 22.89 -25.04
N LEU B 14 27.17 22.00 -24.63
CA LEU B 14 26.06 21.64 -25.53
C LEU B 14 25.09 22.79 -25.69
N TRP B 15 24.90 23.58 -24.65
CA TRP B 15 23.95 24.68 -24.74
C TRP B 15 24.41 25.68 -25.81
N GLY B 16 25.73 25.85 -25.94
CA GLY B 16 26.28 26.72 -26.96
C GLY B 16 25.91 26.25 -28.37
N LYS B 17 25.42 25.03 -28.53
CA LYS B 17 25.03 24.52 -29.83
C LYS B 17 23.52 24.52 -30.14
N VAL B 18 22.74 24.94 -29.17
CA VAL B 18 21.28 24.99 -29.25
C VAL B 18 20.79 26.16 -30.12
N ASN B 19 19.82 25.90 -31.00
CA ASN B 19 19.24 26.95 -31.83
C ASN B 19 18.31 27.73 -30.91
N VAL B 20 18.70 28.92 -30.47
CA VAL B 20 17.87 29.69 -29.55
C VAL B 20 16.54 30.22 -30.08
N ASP B 21 16.32 30.15 -31.40
CA ASP B 21 15.08 30.68 -31.90
C ASP B 21 14.03 29.60 -31.98
N GLU B 22 14.46 28.33 -31.83
CA GLU B 22 13.56 27.19 -31.98
C GLU B 22 13.40 26.21 -30.82
N VAL B 23 14.46 25.92 -30.07
CA VAL B 23 14.34 24.92 -29.01
C VAL B 23 13.29 25.24 -27.94
N GLY B 24 13.25 26.50 -27.51
CA GLY B 24 12.26 26.92 -26.53
C GLY B 24 10.84 26.71 -27.11
N GLY B 25 10.61 27.14 -28.34
CA GLY B 25 9.31 26.94 -28.96
C GLY B 25 8.98 25.46 -29.12
N GLU B 26 10.00 24.62 -29.36
CA GLU B 26 9.71 23.21 -29.48
C GLU B 26 9.31 22.65 -28.14
N ALA B 27 9.98 23.09 -27.07
CA ALA B 27 9.66 22.57 -25.74
C ALA B 27 8.26 23.06 -25.29
N LEU B 28 7.97 24.35 -25.47
CA LEU B 28 6.64 24.87 -25.06
C LEU B 28 5.56 24.17 -25.87
N GLY B 29 5.79 23.98 -27.16
CA GLY B 29 4.79 23.31 -27.94
C GLY B 29 4.50 21.90 -27.44
N ARG B 30 5.57 21.16 -27.15
CA ARG B 30 5.37 19.78 -26.70
C ARG B 30 4.65 19.80 -25.36
N LEU B 31 4.94 20.79 -24.50
CA LEU B 31 4.26 20.84 -23.20
C LEU B 31 2.76 20.91 -23.44
N LEU B 32 2.37 21.83 -24.33
CA LEU B 32 0.94 22.09 -24.64
C LEU B 32 0.27 20.88 -25.29
N VAL B 33 1.05 20.08 -26.00
CA VAL B 33 0.46 18.93 -26.66
C VAL B 33 0.45 17.71 -25.75
N VAL B 34 1.55 17.51 -25.02
CA VAL B 34 1.64 16.31 -24.20
C VAL B 34 0.78 16.44 -22.94
N TYR B 35 0.74 17.66 -22.38
CA TYR B 35 0.01 17.98 -21.13
C TYR B 35 -1.02 19.10 -21.47
N PRO B 36 -2.07 18.75 -22.21
CA PRO B 36 -3.16 19.64 -22.68
C PRO B 36 -3.80 20.61 -21.68
N TRP B 37 -3.86 20.24 -20.41
CA TRP B 37 -4.37 21.19 -19.45
C TRP B 37 -3.53 22.46 -19.44
N THR B 38 -2.23 22.35 -19.81
CA THR B 38 -1.40 23.55 -19.77
C THR B 38 -1.86 24.59 -20.79
N GLN B 39 -2.68 24.18 -21.76
CA GLN B 39 -3.18 25.14 -22.75
C GLN B 39 -4.05 26.24 -22.09
N ARG B 40 -4.72 25.90 -20.98
CA ARG B 40 -5.60 26.85 -20.30
C ARG B 40 -4.87 28.12 -19.96
N PHE B 41 -3.57 28.04 -19.71
CA PHE B 41 -2.80 29.22 -19.37
C PHE B 41 -2.42 30.14 -20.52
N PHE B 42 -2.57 29.64 -21.75
CA PHE B 42 -2.16 30.37 -22.95
C PHE B 42 -3.33 30.61 -23.95
N GLU B 43 -4.54 30.87 -23.44
CA GLU B 43 -5.68 31.05 -24.34
C GLU B 43 -5.46 32.16 -25.36
N SER B 44 -4.77 33.23 -24.98
CA SER B 44 -4.55 34.34 -25.91
C SER B 44 -3.62 33.99 -27.08
N PHE B 45 -3.05 32.78 -27.07
CA PHE B 45 -2.12 32.37 -28.14
C PHE B 45 -2.80 31.91 -29.41
N GLY B 46 -4.11 31.73 -29.32
CA GLY B 46 -4.83 31.34 -30.50
C GLY B 46 -5.12 29.87 -30.61
N ASP B 47 -4.99 29.36 -31.83
CA ASP B 47 -5.30 27.97 -32.12
C ASP B 47 -4.25 26.97 -31.61
N LEU B 48 -4.60 26.20 -30.58
CA LEU B 48 -3.74 25.16 -30.00
C LEU B 48 -4.58 23.89 -30.00
N SER B 49 -5.52 23.82 -30.93
CA SER B 49 -6.48 22.70 -31.05
C SER B 49 -5.99 21.32 -31.46
N THR B 50 -4.89 21.27 -32.20
CA THR B 50 -4.27 20.00 -32.63
C THR B 50 -2.73 20.08 -32.58
N PRO B 51 -2.05 18.93 -32.66
CA PRO B 51 -0.58 18.96 -32.62
C PRO B 51 0.01 19.88 -33.70
N ASP B 52 -0.50 19.80 -34.93
CA ASP B 52 0.04 20.70 -35.93
C ASP B 52 -0.25 22.15 -35.67
N ALA B 53 -1.41 22.47 -35.11
CA ALA B 53 -1.69 23.85 -34.83
C ALA B 53 -0.70 24.40 -33.79
N VAL B 54 -0.46 23.65 -32.72
CA VAL B 54 0.49 24.09 -31.72
C VAL B 54 1.91 24.24 -32.25
N MET B 55 2.39 23.21 -32.93
CA MET B 55 3.76 23.29 -33.38
C MET B 55 4.02 24.31 -34.50
N GLY B 56 2.97 24.89 -35.07
CA GLY B 56 3.17 25.90 -36.09
C GLY B 56 2.68 27.26 -35.61
N ASN B 57 2.29 27.36 -34.35
CA ASN B 57 1.75 28.60 -33.82
C ASN B 57 2.85 29.62 -33.55
N PRO B 58 2.78 30.79 -34.21
CA PRO B 58 3.85 31.76 -33.95
C PRO B 58 3.99 32.28 -32.53
N LYS B 59 2.90 32.35 -31.78
CA LYS B 59 2.99 32.88 -30.42
C LYS B 59 3.65 31.82 -29.52
N VAL B 60 3.40 30.55 -29.83
CA VAL B 60 4.06 29.48 -29.07
C VAL B 60 5.57 29.61 -29.30
N LYS B 61 5.98 29.76 -30.56
CA LYS B 61 7.42 29.85 -30.84
C LYS B 61 8.09 31.09 -30.17
N ALA B 62 7.38 32.23 -30.20
CA ALA B 62 7.91 33.47 -29.60
C ALA B 62 7.97 33.39 -28.07
N HIS B 63 6.95 32.86 -27.43
CA HIS B 63 7.02 32.77 -25.96
C HIS B 63 8.07 31.72 -25.58
N GLY B 64 8.19 30.67 -26.38
CA GLY B 64 9.17 29.63 -26.07
C GLY B 64 10.58 30.21 -26.12
N LYS B 65 10.82 31.18 -27.02
CA LYS B 65 12.14 31.81 -27.10
C LYS B 65 12.39 32.54 -25.80
N LYS B 66 11.36 33.19 -25.24
CA LYS B 66 11.54 33.85 -23.94
C LYS B 66 11.81 32.86 -22.81
N VAL B 67 11.11 31.72 -22.83
CA VAL B 67 11.35 30.70 -21.79
C VAL B 67 12.78 30.20 -21.92
N LEU B 68 13.23 29.98 -23.15
CA LEU B 68 14.58 29.47 -23.38
C LEU B 68 15.59 30.49 -22.86
N GLY B 69 15.27 31.76 -23.05
CA GLY B 69 16.13 32.82 -22.58
C GLY B 69 16.29 32.75 -21.08
N ALA B 70 15.21 32.45 -20.34
CA ALA B 70 15.28 32.34 -18.89
C ALA B 70 16.17 31.13 -18.45
N PHE B 71 16.11 30.02 -19.19
CA PHE B 71 16.92 28.84 -18.89
C PHE B 71 18.39 29.20 -19.11
N SER B 72 18.67 29.93 -20.18
CA SER B 72 20.06 30.35 -20.47
C SER B 72 20.58 31.21 -19.30
N ASP B 73 19.70 32.07 -18.77
CA ASP B 73 20.11 32.88 -17.65
C ASP B 73 20.43 31.98 -16.49
N GLY B 74 19.57 30.97 -16.27
CA GLY B 74 19.81 30.07 -15.17
C GLY B 74 21.14 29.36 -15.34
N LEU B 75 21.39 28.93 -16.57
CA LEU B 75 22.64 28.22 -16.88
C LEU B 75 23.82 29.14 -16.66
N ALA B 76 23.61 30.44 -16.74
CA ALA B 76 24.75 31.32 -16.56
C ALA B 76 24.91 31.68 -15.11
N HIS B 77 23.95 31.28 -14.27
CA HIS B 77 24.01 31.62 -12.85
C HIS B 77 23.65 30.43 -11.98
N LEU B 78 24.23 29.27 -12.29
CA LEU B 78 23.90 28.03 -11.58
C LEU B 78 24.07 28.11 -10.07
N ASP B 79 24.96 28.97 -9.62
CA ASP B 79 25.16 29.11 -8.19
C ASP B 79 24.18 30.07 -7.52
N ASN B 80 23.28 30.68 -8.26
CA ASN B 80 22.30 31.58 -7.61
C ASN B 80 20.99 31.59 -8.38
N LEU B 81 20.38 30.42 -8.51
CA LEU B 81 19.14 30.34 -9.24
C LEU B 81 17.99 31.07 -8.52
N LYS B 82 17.96 31.00 -7.20
CA LYS B 82 16.86 31.64 -6.48
C LYS B 82 16.81 33.13 -6.75
N GLY B 83 17.92 33.80 -6.58
CA GLY B 83 17.96 35.21 -6.85
C GLY B 83 17.66 35.46 -8.32
N THR B 84 18.21 34.62 -9.18
CA THR B 84 17.97 34.83 -10.61
C THR B 84 16.49 34.74 -11.00
N PHE B 85 15.75 33.79 -10.41
CA PHE B 85 14.33 33.58 -10.76
C PHE B 85 13.26 34.21 -9.83
N ALA B 86 13.70 35.00 -8.84
CA ALA B 86 12.78 35.60 -7.87
C ALA B 86 11.63 36.34 -8.54
N THR B 87 11.98 37.24 -9.44
CA THR B 87 10.97 38.02 -10.12
C THR B 87 10.01 37.11 -10.92
N LEU B 88 10.54 36.15 -11.69
CA LEU B 88 9.70 35.27 -12.45
C LEU B 88 8.87 34.39 -11.53
N SER B 89 9.42 34.06 -10.35
CA SER B 89 8.76 33.20 -9.40
C SER B 89 7.53 33.95 -8.90
N GLU B 90 7.73 35.23 -8.55
CA GLU B 90 6.62 36.03 -8.07
C GLU B 90 5.58 36.18 -9.19
N LEU B 91 6.02 36.35 -10.43
CA LEU B 91 5.08 36.45 -11.53
C LEU B 91 4.27 35.19 -11.65
N HIS B 92 4.94 34.01 -11.72
CA HIS B 92 4.17 32.76 -11.90
C HIS B 92 3.20 32.51 -10.74
N CYS B 93 3.58 32.89 -9.51
CA CYS B 93 2.69 32.76 -8.33
C CYS B 93 1.57 33.82 -8.32
N ASP B 94 1.93 35.08 -8.08
CA ASP B 94 0.96 36.17 -7.99
C ASP B 94 0.09 36.50 -9.23
N LYS B 95 0.65 36.57 -10.43
CA LYS B 95 -0.17 36.92 -11.58
C LYS B 95 -0.63 35.78 -12.43
N LEU B 96 0.17 34.72 -12.53
CA LEU B 96 -0.21 33.64 -13.42
C LEU B 96 -0.90 32.46 -12.71
N HIS B 97 -0.70 32.32 -11.40
CA HIS B 97 -1.35 31.25 -10.64
C HIS B 97 -0.99 29.87 -11.18
N VAL B 98 0.29 29.62 -11.45
CA VAL B 98 0.66 28.31 -11.96
C VAL B 98 1.07 27.37 -10.85
N ASP B 99 0.41 26.24 -10.73
CA ASP B 99 0.82 25.22 -9.77
C ASP B 99 2.30 24.88 -10.17
N PRO B 100 3.25 25.06 -9.25
CA PRO B 100 4.66 24.78 -9.53
C PRO B 100 4.93 23.31 -9.89
N GLU B 101 3.98 22.40 -9.58
CA GLU B 101 4.17 20.99 -10.04
C GLU B 101 4.34 20.98 -11.56
N ASN B 102 3.76 21.95 -12.23
CA ASN B 102 3.90 22.03 -13.70
C ASN B 102 5.30 22.36 -14.24
N PHE B 103 6.17 22.97 -13.43
CA PHE B 103 7.51 23.38 -13.86
C PHE B 103 8.37 22.18 -14.20
N ARG B 104 8.16 21.11 -13.44
CA ARG B 104 8.85 19.84 -13.65
C ARG B 104 8.47 19.29 -15.01
N LEU B 105 7.22 19.47 -15.43
CA LEU B 105 6.82 18.96 -16.74
C LEU B 105 7.49 19.69 -17.89
N LEU B 106 7.69 21.00 -17.77
CA LEU B 106 8.32 21.72 -18.84
C LEU B 106 9.79 21.31 -18.82
N GLY B 107 10.37 21.15 -17.64
CA GLY B 107 11.78 20.75 -17.58
C GLY B 107 12.00 19.40 -18.29
N ASN B 108 11.08 18.48 -18.08
CA ASN B 108 11.21 17.18 -18.67
C ASN B 108 10.99 17.26 -20.16
N VAL B 109 10.08 18.10 -20.62
CA VAL B 109 9.90 18.18 -22.03
C VAL B 109 11.16 18.84 -22.66
N LEU B 110 11.76 19.82 -21.98
CA LEU B 110 12.98 20.46 -22.51
C LEU B 110 14.07 19.38 -22.70
N VAL B 111 14.27 18.53 -21.68
CA VAL B 111 15.23 17.44 -21.75
C VAL B 111 14.89 16.55 -22.96
N CYS B 112 13.60 16.25 -23.18
CA CYS B 112 13.28 15.44 -24.37
C CYS B 112 13.65 16.17 -25.66
N VAL B 113 13.50 17.50 -25.68
CA VAL B 113 13.83 18.21 -26.90
C VAL B 113 15.32 18.21 -27.17
N LEU B 114 16.13 18.31 -26.12
CA LEU B 114 17.60 18.30 -26.29
C LEU B 114 18.06 16.95 -26.82
N ALA B 115 17.44 15.89 -26.30
CA ALA B 115 17.70 14.49 -26.70
C ALA B 115 17.29 14.35 -28.17
N HIS B 116 16.15 14.91 -28.48
CA HIS B 116 15.66 14.87 -29.83
C HIS B 116 16.65 15.53 -30.84
N HIS B 117 17.18 16.68 -30.48
CA HIS B 117 18.11 17.43 -31.32
C HIS B 117 19.55 16.86 -31.33
N PHE B 118 20.04 16.46 -30.17
CA PHE B 118 21.42 15.98 -30.04
C PHE B 118 21.66 14.47 -30.27
N GLY B 119 20.59 13.70 -30.25
CA GLY B 119 20.71 12.28 -30.51
C GLY B 119 21.78 11.58 -29.69
N LYS B 120 22.69 10.85 -30.33
CA LYS B 120 23.76 10.14 -29.58
C LYS B 120 24.59 11.01 -28.65
N GLU B 121 24.71 12.28 -28.97
CA GLU B 121 25.53 13.16 -28.17
C GLU B 121 24.89 13.44 -26.81
N PHE B 122 23.58 13.20 -26.71
CA PHE B 122 22.86 13.49 -25.46
C PHE B 122 22.95 12.23 -24.62
N THR B 123 24.16 11.92 -24.18
CA THR B 123 24.42 10.69 -23.43
C THR B 123 23.76 10.67 -22.05
N PRO B 124 23.68 9.49 -21.44
CA PRO B 124 23.07 9.43 -20.12
C PRO B 124 23.72 10.39 -19.08
N PRO B 125 25.08 10.52 -19.09
CA PRO B 125 25.68 11.43 -18.12
C PRO B 125 25.33 12.90 -18.46
N VAL B 126 25.26 13.20 -19.74
CA VAL B 126 24.91 14.56 -20.16
C VAL B 126 23.46 14.90 -19.69
N GLN B 127 22.55 13.93 -19.81
CA GLN B 127 21.16 14.06 -19.36
C GLN B 127 21.05 14.30 -17.87
N ALA B 128 21.81 13.50 -17.12
CA ALA B 128 21.86 13.54 -15.65
C ALA B 128 22.28 14.94 -15.26
N ALA B 129 23.22 15.51 -15.97
CA ALA B 129 23.66 16.86 -15.68
C ALA B 129 22.49 17.84 -16.02
N TYR B 130 21.88 17.65 -17.19
CA TYR B 130 20.73 18.53 -17.53
C TYR B 130 19.57 18.39 -16.54
N GLN B 131 19.33 17.18 -16.00
CA GLN B 131 18.25 17.00 -15.00
C GLN B 131 18.52 17.86 -13.78
N LYS B 132 19.77 17.93 -13.33
CA LYS B 132 20.08 18.76 -12.16
C LYS B 132 19.73 20.21 -12.49
N VAL B 133 20.05 20.65 -13.70
CA VAL B 133 19.74 22.01 -14.09
C VAL B 133 18.23 22.29 -14.09
N VAL B 134 17.46 21.42 -14.71
CA VAL B 134 16.05 21.72 -14.80
C VAL B 134 15.34 21.62 -13.43
N ALA B 135 15.77 20.67 -12.60
CA ALA B 135 15.19 20.52 -11.27
C ALA B 135 15.55 21.81 -10.52
N GLY B 136 16.78 22.30 -10.71
CA GLY B 136 17.22 23.52 -10.07
C GLY B 136 16.38 24.74 -10.50
N VAL B 137 16.17 24.87 -11.79
CA VAL B 137 15.35 25.96 -12.31
C VAL B 137 13.88 25.86 -11.77
N ALA B 138 13.32 24.64 -11.81
CA ALA B 138 11.99 24.40 -11.26
C ALA B 138 11.91 24.84 -9.81
N ASN B 139 12.88 24.41 -9.00
CA ASN B 139 12.89 24.75 -7.58
C ASN B 139 12.99 26.26 -7.35
N ALA B 140 13.86 26.91 -8.12
CA ALA B 140 14.01 28.35 -7.99
C ALA B 140 12.73 29.08 -8.40
N LEU B 141 12.08 28.60 -9.45
CA LEU B 141 10.89 29.26 -9.91
C LEU B 141 9.75 29.05 -8.94
N ALA B 142 9.81 28.03 -8.09
CA ALA B 142 8.73 27.79 -7.11
C ALA B 142 9.05 28.45 -5.76
N HIS B 143 10.27 28.97 -5.60
CA HIS B 143 10.75 29.54 -4.33
C HIS B 143 10.03 30.76 -3.74
N LYS B 144 9.53 31.66 -4.56
CA LYS B 144 8.84 32.82 -4.00
C LYS B 144 7.34 32.62 -3.82
N TYR B 145 6.83 31.42 -4.10
CA TYR B 145 5.38 31.23 -3.92
C TYR B 145 5.02 31.49 -2.44
N HIS B 146 3.81 31.95 -2.16
CA HIS B 146 3.42 32.26 -0.80
C HIS B 146 1.91 32.27 -0.82
N SER C 2 -11.86 0.18 -3.15
CA SER C 2 -12.74 -0.24 -2.01
C SER C 2 -11.95 -0.52 -0.70
N LEU C 3 -12.66 -0.50 0.42
CA LEU C 3 -12.06 -0.73 1.73
C LEU C 3 -12.59 -2.04 2.31
N THR C 4 -11.96 -2.54 3.38
CA THR C 4 -12.41 -3.77 4.07
C THR C 4 -13.36 -3.43 5.24
N LYS C 5 -14.01 -4.47 5.78
CA LYS C 5 -14.96 -4.34 6.89
C LYS C 5 -14.42 -3.56 8.05
N THR C 6 -13.33 -4.03 8.66
CA THR C 6 -12.78 -3.29 9.79
C THR C 6 -12.53 -1.79 9.39
N GLU C 7 -12.22 -1.55 8.11
CA GLU C 7 -11.95 -0.20 7.62
C GLU C 7 -13.23 0.59 7.41
N ARG C 8 -14.17 0.06 6.63
CA ARG C 8 -15.42 0.78 6.39
C ARG C 8 -16.11 1.16 7.70
N THR C 9 -16.01 0.30 8.71
CA THR C 9 -16.63 0.59 9.97
C THR C 9 -15.88 1.66 10.77
N ILE C 10 -14.56 1.79 10.61
CA ILE C 10 -13.88 2.85 11.34
C ILE C 10 -14.23 4.17 10.65
N ILE C 11 -14.37 4.11 9.35
CA ILE C 11 -14.69 5.30 8.58
C ILE C 11 -16.09 5.79 9.02
N VAL C 12 -17.06 4.88 8.98
CA VAL C 12 -18.44 5.20 9.35
C VAL C 12 -18.52 5.73 10.78
N SER C 13 -17.82 5.06 11.67
CA SER C 13 -17.75 5.41 13.08
C SER C 13 -17.04 6.75 13.38
N MET C 14 -15.98 7.06 12.65
CA MET C 14 -15.27 8.33 12.84
C MET C 14 -16.10 9.46 12.22
N TRP C 15 -16.83 9.15 11.16
CA TRP C 15 -17.66 10.11 10.52
C TRP C 15 -18.76 10.63 11.49
N ALA C 16 -19.30 9.73 12.32
CA ALA C 16 -20.32 10.14 13.30
C ALA C 16 -19.74 11.26 14.16
N LYS C 17 -18.49 11.12 14.56
CA LYS C 17 -17.84 12.14 15.40
C LYS C 17 -17.52 13.42 14.60
N ILE C 18 -17.07 13.24 13.37
CA ILE C 18 -16.76 14.39 12.55
C ILE C 18 -17.98 15.23 12.24
N SER C 19 -19.11 14.56 12.01
CA SER C 19 -20.30 15.31 11.59
C SER C 19 -20.72 16.43 12.51
N THR C 20 -20.56 16.26 13.81
CA THR C 20 -20.99 17.34 14.71
C THR C 20 -20.05 18.53 14.78
N GLN C 21 -18.86 18.39 14.18
CA GLN C 21 -17.87 19.47 14.15
C GLN C 21 -17.39 19.61 12.70
N ALA C 22 -18.26 19.31 11.75
CA ALA C 22 -17.84 19.31 10.38
C ALA C 22 -17.27 20.64 9.93
N ASP C 23 -17.95 21.73 10.29
CA ASP C 23 -17.56 23.07 9.85
C ASP C 23 -16.13 23.44 10.29
N THR C 24 -15.79 23.22 11.57
CA THR C 24 -14.50 23.59 12.03
C THR C 24 -13.45 22.59 11.55
N ILE C 25 -13.82 21.33 11.30
CA ILE C 25 -12.82 20.37 10.80
C ILE C 25 -12.47 20.85 9.35
N GLY C 26 -13.50 21.18 8.58
CA GLY C 26 -13.23 21.67 7.24
C GLY C 26 -12.30 22.88 7.25
N THR C 27 -12.70 23.90 8.00
CA THR C 27 -11.93 25.13 8.09
C THR C 27 -10.49 24.85 8.52
N GLU C 28 -10.32 24.07 9.58
CA GLU C 28 -8.97 23.77 10.05
C GLU C 28 -8.16 23.00 8.99
N THR C 29 -8.78 22.00 8.37
CA THR C 29 -8.08 21.25 7.31
C THR C 29 -7.55 22.19 6.23
N LEU C 30 -8.38 23.10 5.71
CA LEU C 30 -7.89 24.06 4.71
C LEU C 30 -6.85 25.07 5.24
N GLU C 31 -6.97 25.54 6.49
CA GLU C 31 -5.99 26.48 7.01
C GLU C 31 -4.62 25.77 7.09
N ARG C 32 -4.61 24.51 7.52
CA ARG C 32 -3.39 23.74 7.63
C ARG C 32 -2.82 23.61 6.24
N LEU C 33 -3.68 23.30 5.29
CA LEU C 33 -3.23 23.09 3.91
C LEU C 33 -2.63 24.31 3.28
N PHE C 34 -3.37 25.42 3.35
CA PHE C 34 -2.92 26.64 2.70
C PHE C 34 -1.74 27.27 3.36
N LEU C 35 -1.60 27.11 4.68
CA LEU C 35 -0.42 27.66 5.35
C LEU C 35 0.80 26.69 5.18
N SER C 36 0.59 25.38 5.27
CA SER C 36 1.72 24.46 5.10
C SER C 36 2.22 24.32 3.68
N HIS C 37 1.31 24.41 2.70
CA HIS C 37 1.64 24.21 1.29
C HIS C 37 0.96 25.32 0.52
N PRO C 38 1.48 26.54 0.67
CA PRO C 38 0.91 27.73 0.01
C PRO C 38 0.74 27.67 -1.50
N GLN C 39 1.44 26.75 -2.17
CA GLN C 39 1.33 26.68 -3.63
C GLN C 39 -0.02 26.12 -4.02
N THR C 40 -0.67 25.44 -3.10
CA THR C 40 -2.00 24.91 -3.40
C THR C 40 -2.98 26.08 -3.64
N LYS C 41 -2.64 27.26 -3.18
CA LYS C 41 -3.55 28.38 -3.37
C LYS C 41 -3.70 28.77 -4.81
N THR C 42 -2.74 28.37 -5.64
CA THR C 42 -2.83 28.74 -7.05
C THR C 42 -4.11 28.25 -7.67
N TYR C 43 -4.78 27.28 -7.08
CA TYR C 43 -6.01 26.84 -7.70
C TYR C 43 -7.19 27.72 -7.32
N PHE C 44 -7.00 28.69 -6.41
CA PHE C 44 -8.15 29.55 -5.96
C PHE C 44 -7.76 31.01 -6.14
N PRO C 45 -7.40 31.43 -7.37
CA PRO C 45 -6.98 32.80 -7.66
C PRO C 45 -7.85 33.95 -7.16
N HIS C 46 -9.16 33.74 -7.13
CA HIS C 46 -9.97 34.86 -6.62
C HIS C 46 -10.51 34.64 -5.22
N PHE C 47 -9.97 33.70 -4.47
CA PHE C 47 -10.51 33.45 -3.13
C PHE C 47 -9.64 34.16 -2.18
N ASP C 48 -10.21 34.54 -1.04
CA ASP C 48 -9.42 35.13 0.03
C ASP C 48 -9.12 33.91 0.90
N LEU C 49 -7.90 33.41 0.86
CA LEU C 49 -7.55 32.23 1.63
C LEU C 49 -6.73 32.50 2.86
N HIS C 50 -6.82 33.70 3.38
CA HIS C 50 -6.18 34.03 4.65
C HIS C 50 -6.95 33.33 5.80
N PRO C 51 -6.24 32.90 6.85
CA PRO C 51 -6.90 32.23 7.95
C PRO C 51 -8.08 33.05 8.45
N GLY C 52 -9.16 32.39 8.79
CA GLY C 52 -10.29 33.10 9.33
C GLY C 52 -11.23 33.64 8.31
N SER C 53 -10.80 33.74 7.06
CA SER C 53 -11.70 34.30 6.05
C SER C 53 -13.03 33.52 5.89
N ALA C 54 -14.11 34.24 5.62
CA ALA C 54 -15.43 33.63 5.44
C ALA C 54 -15.43 32.68 4.24
N GLN C 55 -14.68 33.07 3.22
CA GLN C 55 -14.64 32.29 2.02
C GLN C 55 -13.93 30.93 2.23
N LEU C 56 -12.85 30.93 3.00
CA LEU C 56 -12.11 29.71 3.25
C LEU C 56 -13.01 28.82 4.12
N ARG C 57 -13.66 29.41 5.11
CA ARG C 57 -14.52 28.65 6.00
C ARG C 57 -15.65 27.99 5.21
N ALA C 58 -16.29 28.76 4.34
CA ALA C 58 -17.41 28.23 3.55
C ALA C 58 -16.91 27.10 2.68
N HIS C 59 -15.70 27.24 2.13
CA HIS C 59 -15.19 26.16 1.27
C HIS C 59 -14.89 24.95 2.14
N GLY C 60 -14.32 25.15 3.31
CA GLY C 60 -14.06 23.99 4.16
C GLY C 60 -15.34 23.19 4.47
N SER C 61 -16.48 23.87 4.65
CA SER C 61 -17.72 23.14 4.92
C SER C 61 -18.10 22.28 3.74
N LYS C 62 -17.95 22.81 2.53
CA LYS C 62 -18.31 21.98 1.39
C LYS C 62 -17.39 20.78 1.24
N VAL C 63 -16.10 20.97 1.47
CA VAL C 63 -15.19 19.84 1.33
C VAL C 63 -15.57 18.75 2.34
N VAL C 64 -15.82 19.12 3.58
CA VAL C 64 -16.13 18.05 4.51
C VAL C 64 -17.50 17.48 4.19
N ALA C 65 -18.41 18.30 3.69
CA ALA C 65 -19.71 17.70 3.37
C ALA C 65 -19.55 16.64 2.24
N ALA C 66 -18.70 16.89 1.23
CA ALA C 66 -18.45 15.92 0.16
C ALA C 66 -17.77 14.64 0.71
N VAL C 67 -16.88 14.78 1.68
CA VAL C 67 -16.29 13.60 2.27
C VAL C 67 -17.50 12.76 2.79
N GLY C 68 -18.49 13.45 3.36
CA GLY C 68 -19.69 12.82 3.91
C GLY C 68 -20.46 12.06 2.86
N ASP C 69 -20.51 12.62 1.66
CA ASP C 69 -21.17 11.97 0.54
C ASP C 69 -20.42 10.67 0.24
N ALA C 70 -19.10 10.72 0.28
CA ALA C 70 -18.27 9.53 0.03
C ALA C 70 -18.56 8.48 1.13
N VAL C 71 -18.66 8.91 2.37
CA VAL C 71 -18.92 7.96 3.45
C VAL C 71 -20.32 7.32 3.26
N LYS C 72 -21.32 8.13 2.94
CA LYS C 72 -22.69 7.62 2.71
C LYS C 72 -22.71 6.57 1.59
N SER C 73 -22.00 6.84 0.48
CA SER C 73 -21.92 5.91 -0.65
C SER C 73 -20.56 5.29 -0.68
N ILE C 74 -20.08 4.83 0.46
CA ILE C 74 -18.77 4.23 0.55
C ILE C 74 -18.58 2.98 -0.31
N ASP C 75 -19.68 2.30 -0.64
CA ASP C 75 -19.61 1.08 -1.43
C ASP C 75 -19.47 1.42 -2.87
N ASP C 76 -19.67 2.68 -3.18
CA ASP C 76 -19.53 3.13 -4.55
C ASP C 76 -19.23 4.61 -4.64
N ILE C 77 -18.05 4.95 -4.16
CA ILE C 77 -17.58 6.32 -4.13
C ILE C 77 -17.49 6.96 -5.51
N GLY C 78 -16.97 6.22 -6.48
CA GLY C 78 -16.83 6.81 -7.79
C GLY C 78 -18.16 7.21 -8.35
N GLY C 79 -19.20 6.46 -7.99
CA GLY C 79 -20.53 6.77 -8.49
C GLY C 79 -21.04 8.04 -7.88
N ALA C 80 -20.96 8.10 -6.56
CA ALA C 80 -21.44 9.27 -5.82
C ALA C 80 -20.72 10.57 -6.14
N LEU C 81 -19.43 10.49 -6.46
CA LEU C 81 -18.68 11.72 -6.74
C LEU C 81 -18.41 12.05 -8.22
N SER C 82 -19.21 11.51 -9.15
CA SER C 82 -18.92 11.71 -10.58
C SER C 82 -18.96 13.17 -11.02
N LYS C 83 -19.88 13.95 -10.49
CA LYS C 83 -19.90 15.36 -10.85
C LYS C 83 -18.67 16.09 -10.27
N LEU C 84 -18.28 15.72 -9.07
CA LEU C 84 -17.13 16.40 -8.42
C LEU C 84 -15.81 15.98 -9.10
N SER C 85 -15.86 14.78 -9.62
CA SER C 85 -14.77 14.23 -10.33
C SER C 85 -14.62 15.01 -11.63
N GLU C 86 -15.72 15.23 -12.34
CA GLU C 86 -15.59 16.01 -13.58
C GLU C 86 -15.00 17.38 -13.25
N LEU C 87 -15.43 17.93 -12.12
CA LEU C 87 -14.99 19.24 -11.74
C LEU C 87 -13.44 19.22 -11.48
N HIS C 88 -12.99 18.28 -10.66
CA HIS C 88 -11.56 18.26 -10.31
C HIS C 88 -10.61 17.74 -11.39
N ALA C 89 -11.10 16.86 -12.25
CA ALA C 89 -10.28 16.33 -13.33
C ALA C 89 -10.36 17.20 -14.59
N TYR C 90 -11.43 17.06 -15.36
CA TYR C 90 -11.53 17.84 -16.56
C TYR C 90 -11.53 19.35 -16.42
N ILE C 91 -12.40 19.86 -15.55
CA ILE C 91 -12.56 21.28 -15.43
C ILE C 91 -11.43 22.02 -14.78
N LEU C 92 -11.04 21.62 -13.58
CA LEU C 92 -9.97 22.34 -12.87
C LEU C 92 -8.59 21.77 -13.10
N ARG C 93 -8.54 20.50 -13.49
CA ARG C 93 -7.26 19.80 -13.75
C ARG C 93 -6.31 19.96 -12.57
N VAL C 94 -6.75 19.53 -11.42
CA VAL C 94 -5.92 19.66 -10.22
C VAL C 94 -4.82 18.60 -10.23
N ASP C 95 -3.58 18.99 -10.09
CA ASP C 95 -2.50 17.99 -10.11
C ASP C 95 -2.65 17.01 -8.95
N PRO C 96 -2.51 15.68 -9.24
CA PRO C 96 -2.64 14.70 -8.19
C PRO C 96 -1.89 15.00 -6.89
N VAL C 97 -0.71 15.61 -6.96
CA VAL C 97 0.06 15.85 -5.72
C VAL C 97 -0.72 16.62 -4.65
N ASN C 98 -1.56 17.52 -5.12
CA ASN C 98 -2.31 18.38 -4.24
C ASN C 98 -3.26 17.57 -3.38
N PHE C 99 -3.80 16.44 -3.90
CA PHE C 99 -4.76 15.67 -3.08
C PHE C 99 -4.10 15.00 -1.91
N LYS C 100 -2.83 14.62 -2.10
CA LYS C 100 -2.08 14.05 -1.01
C LYS C 100 -1.86 15.10 0.08
N LEU C 101 -1.54 16.34 -0.32
CA LEU C 101 -1.34 17.43 0.64
C LEU C 101 -2.63 17.65 1.47
N LEU C 102 -3.77 17.74 0.80
CA LEU C 102 -5.06 17.93 1.53
C LEU C 102 -5.38 16.76 2.42
N SER C 103 -5.25 15.53 1.91
CA SER C 103 -5.52 14.36 2.75
C SER C 103 -4.69 14.34 4.01
N HIS C 104 -3.39 14.63 3.90
CA HIS C 104 -2.49 14.67 5.06
C HIS C 104 -3.03 15.73 6.05
N CYS C 105 -3.43 16.89 5.55
CA CYS C 105 -3.91 17.88 6.48
C CYS C 105 -5.21 17.47 7.18
N LEU C 106 -6.09 16.72 6.50
CA LEU C 106 -7.30 16.27 7.16
C LEU C 106 -6.88 15.23 8.22
N LEU C 107 -5.93 14.33 7.91
CA LEU C 107 -5.52 13.36 8.93
C LEU C 107 -4.95 14.10 10.17
N VAL C 108 -4.17 15.15 9.92
CA VAL C 108 -3.58 15.92 11.02
C VAL C 108 -4.71 16.49 11.85
N THR C 109 -5.70 17.07 11.17
CA THR C 109 -6.83 17.63 11.89
C THR C 109 -7.56 16.55 12.74
N LEU C 110 -7.84 15.38 12.14
CA LEU C 110 -8.51 14.31 12.87
C LEU C 110 -7.70 13.82 14.07
N ALA C 111 -6.39 13.70 13.90
CA ALA C 111 -5.53 13.26 14.99
C ALA C 111 -5.57 14.23 16.17
N ALA C 112 -5.57 15.53 15.88
CA ALA C 112 -5.65 16.49 16.97
C ALA C 112 -7.05 16.55 17.57
N ARG C 113 -8.10 16.33 16.78
CA ARG C 113 -9.49 16.41 17.27
C ARG C 113 -10.01 15.17 18.02
N PHE C 114 -9.64 13.98 17.55
CA PHE C 114 -10.16 12.76 18.13
C PHE C 114 -9.00 11.85 18.50
N PRO C 115 -8.14 12.31 19.43
CA PRO C 115 -7.01 11.44 19.75
C PRO C 115 -7.28 10.00 20.13
N ALA C 116 -8.39 9.74 20.83
CA ALA C 116 -8.69 8.38 21.29
C ALA C 116 -9.17 7.46 20.19
N ASP C 117 -9.94 8.01 19.25
CA ASP C 117 -10.40 7.23 18.14
C ASP C 117 -9.29 7.11 17.05
N PHE C 118 -8.33 8.04 17.05
CA PHE C 118 -7.25 8.04 16.02
C PHE C 118 -6.09 7.08 16.33
N THR C 119 -6.41 5.80 16.36
CA THR C 119 -5.43 4.73 16.56
C THR C 119 -4.61 4.56 15.26
N ALA C 120 -3.57 3.73 15.28
CA ALA C 120 -2.77 3.48 14.10
C ALA C 120 -3.69 2.84 13.09
N GLU C 121 -4.61 1.96 13.54
CA GLU C 121 -5.52 1.32 12.63
C GLU C 121 -6.52 2.28 11.98
N ALA C 122 -7.00 3.29 12.73
CA ALA C 122 -7.96 4.29 12.22
C ALA C 122 -7.23 5.20 11.22
N HIS C 123 -6.00 5.55 11.58
CA HIS C 123 -5.14 6.40 10.75
C HIS C 123 -4.99 5.66 9.40
N ALA C 124 -4.71 4.34 9.42
CA ALA C 124 -4.57 3.57 8.21
C ALA C 124 -5.83 3.50 7.40
N ALA C 125 -6.99 3.22 8.02
CA ALA C 125 -8.19 3.20 7.23
C ALA C 125 -8.49 4.60 6.65
N TRP C 126 -8.30 5.70 7.39
CA TRP C 126 -8.60 7.02 6.80
C TRP C 126 -7.57 7.33 5.70
N ASP C 127 -6.29 7.07 5.93
CA ASP C 127 -5.35 7.36 4.85
C ASP C 127 -5.82 6.60 3.60
N LYS C 128 -6.19 5.34 3.75
CA LYS C 128 -6.66 4.55 2.59
C LYS C 128 -7.98 5.11 1.96
N PHE C 129 -8.96 5.46 2.80
CA PHE C 129 -10.22 6.03 2.32
C PHE C 129 -10.00 7.32 1.53
N LEU C 130 -9.19 8.21 2.07
CA LEU C 130 -8.91 9.51 1.41
C LEU C 130 -8.12 9.28 0.10
N SER C 131 -7.27 8.23 0.06
CA SER C 131 -6.58 7.88 -1.19
C SER C 131 -7.60 7.43 -2.24
N VAL C 132 -8.61 6.67 -1.82
CA VAL C 132 -9.66 6.28 -2.77
C VAL C 132 -10.39 7.51 -3.26
N VAL C 133 -10.75 8.37 -2.31
CA VAL C 133 -11.48 9.59 -2.69
C VAL C 133 -10.66 10.41 -3.66
N SER C 134 -9.36 10.55 -3.37
CA SER C 134 -8.47 11.34 -4.23
C SER C 134 -8.38 10.74 -5.64
N SER C 135 -8.25 9.41 -5.74
CA SER C 135 -8.17 8.81 -7.06
C SER C 135 -9.43 9.06 -7.84
N VAL C 136 -10.54 9.00 -7.17
CA VAL C 136 -11.78 9.23 -7.87
C VAL C 136 -11.83 10.64 -8.46
N LEU C 137 -11.40 11.61 -7.67
CA LEU C 137 -11.48 12.99 -8.10
C LEU C 137 -10.40 13.39 -9.12
N THR C 138 -9.36 12.57 -9.24
CA THR C 138 -8.24 12.89 -10.09
C THR C 138 -8.28 12.34 -11.52
N GLU C 139 -7.85 13.18 -12.44
CA GLU C 139 -7.82 12.83 -13.85
C GLU C 139 -7.04 11.53 -13.97
N LYS C 140 -7.69 10.49 -14.48
CA LYS C 140 -7.06 9.18 -14.57
C LYS C 140 -5.72 9.18 -15.32
N TYR C 141 -4.75 8.48 -14.74
CA TYR C 141 -3.41 8.33 -15.28
C TYR C 141 -2.50 9.54 -15.17
N ARG C 142 -3.03 10.72 -14.80
CA ARG C 142 -2.16 11.88 -14.70
C ARG C 142 -1.03 11.67 -13.68
N HIS D 2 14.47 29.73 5.40
CA HIS D 2 14.64 28.72 6.49
C HIS D 2 13.44 28.75 7.48
N LEU D 3 13.71 28.88 8.80
CA LEU D 3 12.64 29.00 9.80
C LEU D 3 12.72 30.41 10.44
N THR D 4 11.58 31.05 10.65
CA THR D 4 11.57 32.39 11.21
C THR D 4 11.67 32.35 12.72
N PRO D 5 11.99 33.47 13.35
CA PRO D 5 12.10 33.51 14.80
C PRO D 5 10.85 32.88 15.43
N VAL D 6 9.67 33.27 14.92
CA VAL D 6 8.44 32.69 15.42
C VAL D 6 8.40 31.17 15.18
N GLU D 7 8.71 30.72 13.97
CA GLU D 7 8.66 29.28 13.71
C GLU D 7 9.68 28.45 14.53
N LYS D 8 10.92 28.96 14.53
CA LYS D 8 12.03 28.31 15.24
C LYS D 8 11.73 28.23 16.74
N SER D 9 11.30 29.36 17.33
CA SER D 9 10.94 29.34 18.74
C SER D 9 9.78 28.41 19.00
N ALA D 10 8.78 28.43 18.12
CA ALA D 10 7.61 27.60 18.33
C ALA D 10 7.96 26.11 18.29
N VAL D 11 8.66 25.66 17.24
CA VAL D 11 8.97 24.24 17.15
C VAL D 11 9.90 23.81 18.30
N THR D 12 10.81 24.68 18.72
CA THR D 12 11.72 24.37 19.83
C THR D 12 10.95 24.24 21.12
N ALA D 13 10.06 25.20 21.43
CA ALA D 13 9.27 25.11 22.66
C ALA D 13 8.45 23.88 22.75
N LEU D 14 7.70 23.55 21.70
CA LEU D 14 6.89 22.32 21.73
C LEU D 14 7.77 21.07 21.81
N TRP D 15 8.92 21.09 21.16
CA TRP D 15 9.79 19.91 21.19
C TRP D 15 10.22 19.58 22.62
N GLY D 16 10.42 20.63 23.44
CA GLY D 16 10.77 20.43 24.84
C GLY D 16 9.71 19.60 25.58
N LYS D 17 8.44 19.63 25.13
CA LYS D 17 7.38 18.88 25.81
C LYS D 17 7.09 17.47 25.29
N VAL D 18 7.91 17.01 24.35
CA VAL D 18 7.73 15.71 23.76
C VAL D 18 8.32 14.56 24.60
N ASN D 19 7.50 13.53 24.82
CA ASN D 19 7.95 12.36 25.55
C ASN D 19 8.92 11.57 24.64
N VAL D 20 10.21 11.76 24.84
CA VAL D 20 11.22 11.05 24.02
C VAL D 20 11.25 9.49 24.02
N ASP D 21 10.57 8.82 24.94
CA ASP D 21 10.60 7.35 24.93
C ASP D 21 9.37 6.80 24.23
N GLU D 22 8.45 7.69 23.87
CA GLU D 22 7.17 7.29 23.29
C GLU D 22 6.86 7.78 21.86
N VAL D 23 7.03 9.08 21.59
CA VAL D 23 6.70 9.65 20.27
C VAL D 23 7.38 8.94 19.10
N GLY D 24 8.67 8.67 19.22
CA GLY D 24 9.37 8.00 18.16
C GLY D 24 8.81 6.63 17.82
N GLY D 25 8.42 5.88 18.84
CA GLY D 25 7.91 4.54 18.62
C GLY D 25 6.52 4.61 18.08
N GLU D 26 5.81 5.66 18.49
CA GLU D 26 4.46 5.84 18.01
C GLU D 26 4.45 6.17 16.53
N ALA D 27 5.42 6.99 16.12
CA ALA D 27 5.57 7.37 14.72
C ALA D 27 6.02 6.16 13.88
N LEU D 28 6.99 5.40 14.37
CA LEU D 28 7.46 4.23 13.60
C LEU D 28 6.33 3.22 13.53
N GLY D 29 5.61 3.04 14.64
CA GLY D 29 4.51 2.08 14.59
C GLY D 29 3.48 2.44 13.52
N ARG D 30 3.04 3.71 13.54
CA ARG D 30 2.06 4.16 12.59
C ARG D 30 2.56 3.96 11.17
N LEU D 31 3.81 4.31 10.92
CA LEU D 31 4.38 4.13 9.55
C LEU D 31 4.14 2.67 9.09
N LEU D 32 4.52 1.70 9.95
CA LEU D 32 4.38 0.26 9.63
C LEU D 32 2.95 -0.21 9.45
N VAL D 33 2.02 0.48 10.10
CA VAL D 33 0.63 0.10 10.02
C VAL D 33 -0.06 0.75 8.85
N VAL D 34 0.23 2.03 8.66
CA VAL D 34 -0.38 2.84 7.61
C VAL D 34 0.22 2.49 6.22
N TYR D 35 1.53 2.29 6.19
CA TYR D 35 2.24 1.94 4.95
C TYR D 35 2.87 0.51 5.12
N PRO D 36 2.02 -0.54 5.13
CA PRO D 36 2.46 -1.94 5.31
C PRO D 36 3.71 -2.37 4.62
N TRP D 37 3.95 -1.83 3.44
CA TRP D 37 5.16 -2.18 2.73
C TRP D 37 6.44 -1.87 3.47
N THR D 38 6.41 -0.89 4.37
CA THR D 38 7.64 -0.51 5.08
C THR D 38 8.06 -1.59 6.08
N GLN D 39 7.18 -2.56 6.31
CA GLN D 39 7.47 -3.66 7.24
C GLN D 39 8.66 -4.46 6.69
N ARG D 40 8.70 -4.62 5.38
CA ARG D 40 9.81 -5.34 4.77
C ARG D 40 11.20 -4.93 5.25
N PHE D 41 11.40 -3.70 5.71
CA PHE D 41 12.74 -3.27 6.16
C PHE D 41 13.06 -3.64 7.60
N PHE D 42 12.09 -4.20 8.32
CA PHE D 42 12.32 -4.51 9.72
C PHE D 42 11.82 -5.90 10.07
N GLU D 43 12.23 -6.88 9.27
CA GLU D 43 11.78 -8.24 9.49
C GLU D 43 12.31 -8.90 10.74
N SER D 44 13.38 -8.35 11.30
CA SER D 44 14.02 -8.84 12.52
C SER D 44 13.21 -8.39 13.72
N PHE D 45 12.22 -7.55 13.46
CA PHE D 45 11.40 -7.04 14.51
C PHE D 45 10.30 -8.01 14.95
N GLY D 46 10.05 -9.06 14.20
CA GLY D 46 9.05 -10.01 14.64
C GLY D 46 7.63 -9.82 14.15
N ASP D 47 6.64 -10.02 15.03
CA ASP D 47 5.23 -9.89 14.67
C ASP D 47 4.78 -8.46 14.42
N LEU D 48 4.32 -8.19 13.21
CA LEU D 48 3.82 -6.87 12.81
C LEU D 48 2.59 -7.21 12.01
N SER D 49 2.01 -8.39 12.28
CA SER D 49 0.87 -8.83 11.49
C SER D 49 -0.43 -8.12 11.75
N THR D 50 -0.50 -7.36 12.85
CA THR D 50 -1.73 -6.66 13.18
C THR D 50 -1.36 -5.34 13.80
N PRO D 51 -2.28 -4.37 13.78
CA PRO D 51 -2.05 -3.04 14.35
C PRO D 51 -1.64 -3.14 15.81
N ASP D 52 -2.29 -4.05 16.56
CA ASP D 52 -1.93 -4.22 17.98
C ASP D 52 -0.57 -4.84 18.10
N ALA D 53 -0.29 -5.80 17.23
CA ALA D 53 1.03 -6.40 17.31
C ALA D 53 2.07 -5.29 17.14
N VAL D 54 1.93 -4.53 16.05
CA VAL D 54 2.88 -3.48 15.76
C VAL D 54 3.02 -2.48 16.87
N MET D 55 1.90 -1.96 17.38
CA MET D 55 1.98 -0.94 18.42
C MET D 55 2.50 -1.47 19.77
N GLY D 56 2.40 -2.79 19.96
CA GLY D 56 2.89 -3.39 21.21
C GLY D 56 4.32 -3.89 21.11
N ASN D 57 4.80 -4.02 19.87
CA ASN D 57 6.16 -4.51 19.62
C ASN D 57 7.29 -3.74 20.36
N PRO D 58 8.07 -4.44 21.22
CA PRO D 58 9.15 -3.71 21.92
C PRO D 58 10.22 -3.22 21.01
N LYS D 59 10.38 -3.90 19.88
CA LYS D 59 11.44 -3.47 18.98
C LYS D 59 10.97 -2.19 18.23
N VAL D 60 9.73 -2.17 17.76
CA VAL D 60 9.21 -0.97 17.06
C VAL D 60 9.52 0.21 18.01
N LYS D 61 9.15 0.09 19.29
CA LYS D 61 9.38 1.20 20.22
C LYS D 61 10.84 1.63 20.47
N ALA D 62 11.74 0.67 20.61
CA ALA D 62 13.17 1.04 20.87
C ALA D 62 13.82 1.67 19.64
N HIS D 63 13.52 1.12 18.47
CA HIS D 63 14.12 1.75 17.30
C HIS D 63 13.48 3.17 17.15
N GLY D 64 12.17 3.26 17.38
CA GLY D 64 11.49 4.53 17.27
C GLY D 64 12.20 5.57 18.10
N LYS D 65 12.68 5.19 19.29
CA LYS D 65 13.38 6.13 20.15
C LYS D 65 14.63 6.66 19.48
N LYS D 66 15.32 5.80 18.73
CA LYS D 66 16.52 6.23 18.02
C LYS D 66 16.17 7.23 16.92
N VAL D 67 15.12 6.92 16.16
CA VAL D 67 14.70 7.83 15.08
C VAL D 67 14.34 9.16 15.71
N LEU D 68 13.64 9.12 16.82
CA LEU D 68 13.26 10.36 17.48
C LEU D 68 14.53 11.12 17.82
N GLY D 69 15.54 10.41 18.34
CA GLY D 69 16.77 11.09 18.68
C GLY D 69 17.45 11.76 17.51
N ALA D 70 17.38 11.13 16.33
CA ALA D 70 17.99 11.73 15.14
C ALA D 70 17.24 13.02 14.78
N PHE D 71 15.91 12.98 14.90
CA PHE D 71 15.16 14.20 14.64
C PHE D 71 15.59 15.31 15.65
N SER D 72 15.73 14.95 16.93
CA SER D 72 16.14 15.98 17.88
C SER D 72 17.46 16.60 17.47
N ASP D 73 18.38 15.79 16.94
CA ASP D 73 19.65 16.34 16.50
C ASP D 73 19.44 17.36 15.39
N GLY D 74 18.60 17.02 14.42
CA GLY D 74 18.39 17.94 13.31
C GLY D 74 17.79 19.26 13.77
N LEU D 75 16.87 19.17 14.73
CA LEU D 75 16.20 20.37 15.30
C LEU D 75 17.22 21.24 15.96
N ALA D 76 18.30 20.63 16.43
CA ALA D 76 19.36 21.37 17.07
C ALA D 76 20.33 21.88 16.02
N HIS D 77 20.21 21.39 14.78
CA HIS D 77 21.11 21.82 13.69
C HIS D 77 20.40 22.23 12.41
N LEU D 78 19.32 22.97 12.51
CA LEU D 78 18.56 23.37 11.33
C LEU D 78 19.37 23.95 10.17
N ASP D 79 20.38 24.75 10.50
CA ASP D 79 21.20 25.36 9.47
C ASP D 79 22.20 24.43 8.83
N ASN D 80 22.33 23.20 9.31
CA ASN D 80 23.27 22.24 8.71
C ASN D 80 22.72 20.82 8.79
N LEU D 81 21.54 20.63 8.23
CA LEU D 81 20.94 19.33 8.24
C LEU D 81 21.71 18.33 7.40
N LYS D 82 22.26 18.77 6.27
CA LYS D 82 22.98 17.86 5.38
C LYS D 82 24.24 17.31 6.05
N GLY D 83 25.00 18.16 6.72
CA GLY D 83 26.18 17.69 7.41
C GLY D 83 25.75 16.79 8.55
N THR D 84 24.66 17.19 9.22
CA THR D 84 24.17 16.41 10.34
C THR D 84 23.67 15.00 9.99
N PHE D 85 23.13 14.84 8.77
CA PHE D 85 22.59 13.54 8.36
C PHE D 85 23.38 12.72 7.34
N ALA D 86 24.54 13.25 6.94
CA ALA D 86 25.42 12.61 5.98
C ALA D 86 25.62 11.12 6.23
N THR D 87 26.02 10.77 7.44
CA THR D 87 26.28 9.38 7.74
C THR D 87 25.02 8.52 7.69
N LEU D 88 23.94 8.99 8.29
CA LEU D 88 22.69 8.22 8.25
C LEU D 88 22.24 8.07 6.79
N SER D 89 22.49 9.09 5.98
CA SER D 89 22.10 9.08 4.56
C SER D 89 22.82 7.95 3.80
N GLU D 90 24.14 7.85 3.99
CA GLU D 90 24.96 6.79 3.40
C GLU D 90 24.46 5.46 3.96
N LEU D 91 24.16 5.42 5.25
CA LEU D 91 23.65 4.20 5.80
C LEU D 91 22.34 3.80 5.14
N HIS D 92 21.43 4.76 4.98
CA HIS D 92 20.15 4.37 4.40
C HIS D 92 20.26 3.99 2.92
N CYS D 93 21.18 4.61 2.21
CA CYS D 93 21.39 4.30 0.82
C CYS D 93 22.25 2.99 0.69
N ASP D 94 23.46 3.03 1.19
CA ASP D 94 24.37 1.89 1.04
C ASP D 94 24.03 0.58 1.72
N LYS D 95 23.55 0.65 2.96
CA LYS D 95 23.24 -0.56 3.71
C LYS D 95 21.82 -0.97 3.72
N LEU D 96 20.90 -0.03 3.96
CA LEU D 96 19.46 -0.37 4.07
C LEU D 96 18.68 -0.32 2.75
N HIS D 97 19.24 0.37 1.76
CA HIS D 97 18.59 0.45 0.45
C HIS D 97 17.14 0.93 0.62
N VAL D 98 16.95 2.04 1.30
CA VAL D 98 15.59 2.56 1.48
C VAL D 98 15.30 3.65 0.42
N ASP D 99 14.23 3.49 -0.35
CA ASP D 99 13.82 4.51 -1.35
C ASP D 99 13.56 5.78 -0.51
N PRO D 100 14.34 6.86 -0.71
CA PRO D 100 14.13 8.08 0.07
C PRO D 100 12.73 8.68 -0.01
N GLU D 101 11.91 8.20 -0.93
CA GLU D 101 10.53 8.72 -0.99
C GLU D 101 9.85 8.32 0.33
N ASN D 102 10.32 7.24 0.93
CA ASN D 102 9.75 6.79 2.18
C ASN D 102 10.00 7.76 3.37
N PHE D 103 11.08 8.52 3.32
CA PHE D 103 11.38 9.49 4.37
C PHE D 103 10.26 10.51 4.57
N ARG D 104 9.59 10.87 3.46
CA ARG D 104 8.49 11.81 3.50
C ARG D 104 7.35 11.20 4.27
N LEU D 105 7.11 9.90 4.09
CA LEU D 105 6.03 9.26 4.79
C LEU D 105 6.27 9.27 6.29
N LEU D 106 7.49 8.97 6.71
CA LEU D 106 7.80 8.99 8.16
C LEU D 106 7.60 10.40 8.72
N GLY D 107 8.08 11.43 7.99
CA GLY D 107 7.89 12.82 8.38
C GLY D 107 6.39 13.14 8.57
N ASN D 108 5.56 12.79 7.58
CA ASN D 108 4.13 13.03 7.69
C ASN D 108 3.53 12.33 8.93
N VAL D 109 3.94 11.10 9.17
CA VAL D 109 3.41 10.35 10.28
C VAL D 109 3.87 10.98 11.60
N LEU D 110 5.10 11.49 11.66
CA LEU D 110 5.55 12.12 12.86
C LEU D 110 4.66 13.34 13.08
N VAL D 111 4.42 14.11 12.01
CA VAL D 111 3.55 15.29 12.13
C VAL D 111 2.21 14.88 12.73
N CYS D 112 1.62 13.76 12.27
CA CYS D 112 0.33 13.34 12.82
C CYS D 112 0.46 13.02 14.30
N VAL D 113 1.57 12.41 14.72
CA VAL D 113 1.76 12.05 16.15
C VAL D 113 1.85 13.31 17.00
N LEU D 114 2.59 14.33 16.53
CA LEU D 114 2.66 15.59 17.30
C LEU D 114 1.27 16.19 17.44
N ALA D 115 0.47 16.08 16.37
CA ALA D 115 -0.91 16.64 16.42
C ALA D 115 -1.74 15.81 17.42
N HIS D 116 -1.54 14.51 17.38
CA HIS D 116 -2.26 13.63 18.24
C HIS D 116 -2.01 13.92 19.73
N HIS D 117 -0.78 14.23 20.06
CA HIS D 117 -0.38 14.53 21.42
C HIS D 117 -0.68 15.95 21.89
N PHE D 118 -0.47 16.90 21.01
CA PHE D 118 -0.64 18.28 21.40
C PHE D 118 -2.01 18.87 21.15
N GLY D 119 -2.84 18.20 20.34
CA GLY D 119 -4.17 18.66 20.05
C GLY D 119 -4.27 20.12 19.60
N LYS D 120 -5.17 20.88 20.24
CA LYS D 120 -5.34 22.32 19.92
C LYS D 120 -4.06 23.16 19.89
N GLU D 121 -3.05 22.76 20.62
CA GLU D 121 -1.81 23.47 20.65
C GLU D 121 -1.00 23.33 19.34
N PHE D 122 -1.28 22.28 18.58
CA PHE D 122 -0.53 22.05 17.34
C PHE D 122 -1.33 22.75 16.27
N THR D 123 -1.30 24.08 16.31
CA THR D 123 -2.11 24.88 15.41
C THR D 123 -1.59 24.83 13.98
N PRO D 124 -2.36 25.38 13.04
CA PRO D 124 -1.90 25.34 11.65
C PRO D 124 -0.53 26.02 11.44
N PRO D 125 -0.25 27.16 12.09
CA PRO D 125 1.08 27.76 11.87
C PRO D 125 2.22 26.93 12.51
N VAL D 126 1.95 26.28 13.62
CA VAL D 126 2.91 25.41 14.25
C VAL D 126 3.11 24.19 13.30
N GLN D 127 2.04 23.65 12.72
CA GLN D 127 2.23 22.55 11.80
C GLN D 127 3.11 23.00 10.62
N ALA D 128 2.85 24.18 10.08
CA ALA D 128 3.60 24.68 8.91
C ALA D 128 5.10 24.74 9.20
N ALA D 129 5.44 25.09 10.45
CA ALA D 129 6.84 25.12 10.91
C ALA D 129 7.39 23.68 10.96
N TYR D 130 6.65 22.75 11.54
CA TYR D 130 7.13 21.38 11.62
C TYR D 130 7.23 20.72 10.22
N GLN D 131 6.34 21.09 9.31
CA GLN D 131 6.43 20.58 7.93
C GLN D 131 7.82 21.01 7.31
N LYS D 132 8.28 22.23 7.56
CA LYS D 132 9.58 22.63 7.03
C LYS D 132 10.74 21.79 7.59
N VAL D 133 10.63 21.47 8.89
CA VAL D 133 11.64 20.67 9.56
C VAL D 133 11.60 19.24 9.02
N VAL D 134 10.44 18.59 9.01
CA VAL D 134 10.46 17.23 8.53
C VAL D 134 10.87 17.10 7.03
N ALA D 135 10.65 18.14 6.22
CA ALA D 135 10.99 18.12 4.79
C ALA D 135 12.48 18.33 4.70
N GLY D 136 12.98 19.24 5.54
CA GLY D 136 14.39 19.50 5.61
C GLY D 136 15.16 18.25 6.03
N VAL D 137 14.67 17.52 7.01
CA VAL D 137 15.35 16.27 7.44
C VAL D 137 15.28 15.18 6.35
N ALA D 138 14.14 15.05 5.66
CA ALA D 138 13.98 14.07 4.60
C ALA D 138 14.99 14.38 3.50
N ASN D 139 15.11 15.66 3.19
CA ASN D 139 16.00 16.09 2.12
C ASN D 139 17.44 15.75 2.44
N ALA D 140 17.83 16.07 3.67
CA ALA D 140 19.17 15.79 4.11
C ALA D 140 19.45 14.28 4.15
N LEU D 141 18.48 13.48 4.55
CA LEU D 141 18.67 12.06 4.63
C LEU D 141 18.78 11.44 3.22
N ALA D 142 18.23 12.11 2.21
CA ALA D 142 18.31 11.58 0.83
C ALA D 142 19.53 12.16 0.11
N HIS D 143 20.21 13.07 0.78
CA HIS D 143 21.30 13.75 0.13
C HIS D 143 22.56 13.01 -0.30
N LYS D 144 22.95 11.98 0.42
CA LYS D 144 24.18 11.32 0.02
C LYS D 144 23.89 10.11 -0.83
N TYR D 145 22.64 9.98 -1.26
CA TYR D 145 22.33 8.84 -2.11
C TYR D 145 23.15 8.99 -3.40
N HIS D 146 23.58 7.84 -3.91
CA HIS D 146 24.39 7.84 -5.11
C HIS D 146 24.24 6.50 -5.79
N SER E 2 -9.96 -10.47 24.95
CA SER E 2 -10.98 -9.52 24.45
C SER E 2 -10.91 -9.50 22.91
N LEU E 3 -12.04 -9.19 22.28
CA LEU E 3 -12.05 -9.13 20.83
C LEU E 3 -12.06 -7.67 20.45
N THR E 4 -11.56 -7.38 19.25
CA THR E 4 -11.57 -6.03 18.73
C THR E 4 -13.06 -5.81 18.54
N LYS E 5 -13.44 -4.63 18.07
CA LYS E 5 -14.84 -4.31 17.85
C LYS E 5 -15.43 -4.90 16.58
N THR E 6 -14.60 -5.15 15.57
CA THR E 6 -15.14 -5.71 14.34
C THR E 6 -15.36 -7.20 14.60
N GLU E 7 -14.49 -7.78 15.42
CA GLU E 7 -14.56 -9.17 15.81
C GLU E 7 -15.86 -9.41 16.62
N ARG E 8 -16.02 -8.71 17.73
CA ARG E 8 -17.23 -8.85 18.57
C ARG E 8 -18.48 -8.74 17.68
N THR E 9 -18.41 -7.84 16.71
CA THR E 9 -19.50 -7.61 15.79
C THR E 9 -19.79 -8.83 14.95
N ILE E 10 -18.74 -9.49 14.47
CA ILE E 10 -18.98 -10.68 13.68
C ILE E 10 -19.58 -11.80 14.60
N ILE E 11 -19.09 -11.94 15.82
CA ILE E 11 -19.61 -12.97 16.72
C ILE E 11 -21.09 -12.73 16.90
N VAL E 12 -21.42 -11.52 17.38
CA VAL E 12 -22.79 -11.14 17.61
C VAL E 12 -23.68 -11.35 16.40
N SER E 13 -23.24 -10.91 15.23
CA SER E 13 -24.04 -11.12 14.04
C SER E 13 -24.28 -12.58 13.69
N MET E 14 -23.27 -13.44 13.86
CA MET E 14 -23.43 -14.86 13.56
C MET E 14 -24.24 -15.56 14.63
N TRP E 15 -24.19 -15.03 15.84
CA TRP E 15 -24.96 -15.62 16.91
C TRP E 15 -26.44 -15.55 16.58
N ALA E 16 -26.87 -14.42 16.03
CA ALA E 16 -28.28 -14.30 15.66
C ALA E 16 -28.73 -15.49 14.81
N LYS E 17 -27.89 -15.92 13.89
CA LYS E 17 -28.25 -17.03 13.00
C LYS E 17 -28.13 -18.37 13.73
N ILE E 18 -27.14 -18.48 14.60
CA ILE E 18 -26.96 -19.74 15.31
C ILE E 18 -28.18 -19.96 16.21
N SER E 19 -28.67 -18.87 16.81
CA SER E 19 -29.74 -19.01 17.77
C SER E 19 -30.97 -19.79 17.30
N THR E 20 -31.35 -19.67 16.04
CA THR E 20 -32.56 -20.37 15.61
C THR E 20 -32.31 -21.85 15.34
N GLN E 21 -31.04 -22.25 15.35
CA GLN E 21 -30.70 -23.66 15.13
C GLN E 21 -29.79 -24.08 16.22
N ALA E 22 -29.89 -23.45 17.39
CA ALA E 22 -28.94 -23.79 18.41
C ALA E 22 -28.90 -25.27 18.81
N ASP E 23 -30.08 -25.89 18.88
CA ASP E 23 -30.16 -27.31 19.29
C ASP E 23 -29.41 -28.22 18.31
N THR E 24 -29.64 -28.05 17.02
CA THR E 24 -28.96 -28.90 16.09
C THR E 24 -27.49 -28.49 15.93
N ILE E 25 -27.16 -27.23 16.16
CA ILE E 25 -25.72 -26.87 16.09
C ILE E 25 -24.98 -27.51 17.29
N GLY E 26 -25.60 -27.52 18.46
CA GLY E 26 -24.99 -28.12 19.64
C GLY E 26 -24.78 -29.61 19.43
N THR E 27 -25.83 -30.28 18.96
CA THR E 27 -25.78 -31.72 18.73
C THR E 27 -24.68 -32.09 17.72
N GLU E 28 -24.75 -31.45 16.56
CA GLU E 28 -23.73 -31.69 15.54
C GLU E 28 -22.28 -31.47 16.11
N THR E 29 -22.07 -30.38 16.85
CA THR E 29 -20.75 -30.09 17.42
C THR E 29 -20.26 -31.25 18.28
N LEU E 30 -21.14 -31.76 19.15
CA LEU E 30 -20.73 -32.89 19.98
C LEU E 30 -20.63 -34.20 19.19
N GLU E 31 -21.50 -34.42 18.21
CA GLU E 31 -21.37 -35.64 17.40
C GLU E 31 -19.96 -35.64 16.74
N ARG E 32 -19.57 -34.50 16.17
CA ARG E 32 -18.26 -34.37 15.53
C ARG E 32 -17.10 -34.65 16.56
N LEU E 33 -17.24 -34.03 17.72
CA LEU E 33 -16.22 -34.20 18.76
C LEU E 33 -16.03 -35.63 19.25
N PHE E 34 -17.14 -36.30 19.55
CA PHE E 34 -17.02 -37.61 20.12
C PHE E 34 -16.63 -38.65 19.11
N LEU E 35 -16.97 -38.40 17.83
CA LEU E 35 -16.57 -39.34 16.78
C LEU E 35 -15.10 -39.09 16.37
N SER E 36 -14.70 -37.83 16.21
CA SER E 36 -13.32 -37.53 15.81
C SER E 36 -12.33 -37.61 16.94
N HIS E 37 -12.75 -37.33 18.16
CA HIS E 37 -11.83 -37.36 19.31
C HIS E 37 -12.52 -38.16 20.43
N PRO E 38 -12.72 -39.46 20.20
CA PRO E 38 -13.40 -40.33 21.17
C PRO E 38 -12.88 -40.36 22.60
N GLN E 39 -11.61 -39.98 22.77
CA GLN E 39 -11.03 -39.97 24.10
C GLN E 39 -11.76 -38.94 24.99
N THR E 40 -12.39 -37.93 24.38
CA THR E 40 -13.12 -36.94 25.13
C THR E 40 -14.35 -37.54 25.86
N LYS E 41 -14.81 -38.71 25.41
CA LYS E 41 -15.97 -39.37 26.04
C LYS E 41 -15.70 -39.81 27.48
N THR E 42 -14.42 -39.96 27.83
CA THR E 42 -13.99 -40.39 29.15
C THR E 42 -14.47 -39.48 30.25
N TYR E 43 -14.75 -38.23 29.93
CA TYR E 43 -15.25 -37.32 30.94
C TYR E 43 -16.75 -37.49 31.17
N PHE E 44 -17.39 -38.37 30.40
CA PHE E 44 -18.87 -38.57 30.53
C PHE E 44 -19.12 -40.07 30.71
N PRO E 45 -18.43 -40.71 31.67
CA PRO E 45 -18.58 -42.15 31.91
C PRO E 45 -20.00 -42.70 32.00
N HIS E 46 -20.94 -41.93 32.56
CA HIS E 46 -22.30 -42.46 32.65
C HIS E 46 -23.28 -41.94 31.60
N PHE E 47 -22.74 -41.42 30.50
CA PHE E 47 -23.59 -40.91 29.45
C PHE E 47 -23.59 -41.90 28.31
N ASP E 48 -24.70 -41.89 27.59
CA ASP E 48 -24.75 -42.65 26.38
C ASP E 48 -24.37 -41.56 25.34
N LEU E 49 -23.15 -41.67 24.80
CA LEU E 49 -22.68 -40.70 23.82
C LEU E 49 -22.56 -41.26 22.45
N HIS E 50 -23.31 -42.33 22.20
CA HIS E 50 -23.37 -42.91 20.87
C HIS E 50 -24.07 -41.92 19.95
N PRO E 51 -23.72 -41.92 18.65
CA PRO E 51 -24.31 -41.03 17.65
C PRO E 51 -25.81 -41.17 17.71
N GLY E 52 -26.50 -40.03 17.72
CA GLY E 52 -27.95 -39.98 17.78
C GLY E 52 -28.52 -40.01 19.18
N SER E 53 -27.66 -40.19 20.17
CA SER E 53 -28.10 -40.30 21.55
C SER E 53 -28.91 -39.09 21.97
N ALA E 54 -30.02 -39.32 22.67
CA ALA E 54 -30.83 -38.20 23.12
C ALA E 54 -30.11 -37.46 24.25
N GLN E 55 -29.23 -38.17 24.96
CA GLN E 55 -28.48 -37.55 26.06
C GLN E 55 -27.31 -36.66 25.48
N LEU E 56 -26.79 -37.05 24.33
CA LEU E 56 -25.73 -36.29 23.71
C LEU E 56 -26.37 -34.98 23.23
N ARG E 57 -27.54 -35.15 22.60
CA ARG E 57 -28.28 -34.05 22.05
C ARG E 57 -28.66 -33.06 23.13
N ALA E 58 -29.13 -33.54 24.28
CA ALA E 58 -29.48 -32.60 25.33
C ALA E 58 -28.27 -31.86 25.84
N HIS E 59 -27.12 -32.51 25.93
CA HIS E 59 -25.95 -31.78 26.45
C HIS E 59 -25.54 -30.76 25.37
N GLY E 60 -25.69 -31.11 24.11
CA GLY E 60 -25.30 -30.12 23.08
C GLY E 60 -26.05 -28.79 23.17
N SER E 61 -27.33 -28.88 23.56
CA SER E 61 -28.15 -27.66 23.72
C SER E 61 -27.60 -26.83 24.84
N LYS E 62 -27.13 -27.47 25.90
CA LYS E 62 -26.58 -26.72 27.02
C LYS E 62 -25.27 -26.01 26.70
N VAL E 63 -24.41 -26.67 25.92
CA VAL E 63 -23.12 -26.07 25.52
C VAL E 63 -23.37 -24.87 24.61
N VAL E 64 -24.30 -24.96 23.68
CA VAL E 64 -24.53 -23.82 22.84
C VAL E 64 -25.19 -22.73 23.66
N ALA E 65 -25.98 -23.11 24.66
CA ALA E 65 -26.65 -22.10 25.47
C ALA E 65 -25.59 -21.28 26.20
N ALA E 66 -24.54 -21.95 26.71
CA ALA E 66 -23.43 -21.25 27.37
C ALA E 66 -22.63 -20.32 26.42
N VAL E 67 -22.39 -20.78 25.19
CA VAL E 67 -21.72 -19.93 24.18
C VAL E 67 -22.54 -18.62 24.05
N GLY E 68 -23.87 -18.75 24.06
CA GLY E 68 -24.79 -17.62 23.96
C GLY E 68 -24.64 -16.67 25.15
N ASP E 69 -24.35 -17.21 26.33
CA ASP E 69 -24.12 -16.40 27.51
C ASP E 69 -22.85 -15.56 27.30
N ALA E 70 -21.85 -16.16 26.65
CA ALA E 70 -20.58 -15.46 26.41
C ALA E 70 -20.78 -14.40 25.30
N VAL E 71 -21.67 -14.67 24.36
CA VAL E 71 -21.93 -13.70 23.30
C VAL E 71 -22.70 -12.51 23.93
N LYS E 72 -23.61 -12.80 24.84
CA LYS E 72 -24.38 -11.73 25.45
C LYS E 72 -23.49 -10.83 26.29
N SER E 73 -22.50 -11.40 26.98
CA SER E 73 -21.56 -10.64 27.79
C SER E 73 -20.21 -10.68 27.14
N ILE E 74 -20.17 -10.40 25.84
CA ILE E 74 -18.92 -10.52 25.11
C ILE E 74 -17.79 -9.57 25.58
N ASP E 75 -18.17 -8.51 26.30
CA ASP E 75 -17.22 -7.52 26.83
C ASP E 75 -16.69 -7.98 28.16
N ASP E 76 -17.25 -9.08 28.66
CA ASP E 76 -16.78 -9.63 29.92
C ASP E 76 -17.12 -11.09 30.02
N ILE E 77 -16.48 -11.87 29.16
CA ILE E 77 -16.69 -13.31 29.08
C ILE E 77 -16.31 -13.97 30.39
N GLY E 78 -15.08 -13.75 30.85
CA GLY E 78 -14.67 -14.34 32.11
C GLY E 78 -15.67 -14.16 33.23
N GLY E 79 -16.30 -12.99 33.28
CA GLY E 79 -17.28 -12.74 34.31
C GLY E 79 -18.52 -13.56 34.09
N ALA E 80 -19.04 -13.55 32.87
CA ALA E 80 -20.26 -14.30 32.54
C ALA E 80 -20.12 -15.81 32.75
N LEU E 81 -18.95 -16.35 32.42
CA LEU E 81 -18.71 -17.79 32.52
C LEU E 81 -18.02 -18.18 33.82
N SER E 82 -18.05 -17.28 34.79
CA SER E 82 -17.39 -17.55 36.07
C SER E 82 -17.75 -18.88 36.72
N LYS E 83 -19.06 -19.13 36.85
CA LYS E 83 -19.56 -20.37 37.44
C LYS E 83 -19.22 -21.63 36.62
N LEU E 84 -19.37 -21.51 35.30
CA LEU E 84 -19.09 -22.61 34.38
C LEU E 84 -17.61 -22.96 34.47
N SER E 85 -16.80 -21.94 34.69
CA SER E 85 -15.36 -22.13 34.82
C SER E 85 -15.04 -22.96 36.09
N GLU E 86 -15.74 -22.63 37.18
CA GLU E 86 -15.58 -23.33 38.45
C GLU E 86 -15.95 -24.77 38.28
N LEU E 87 -17.03 -24.99 37.55
CA LEU E 87 -17.52 -26.35 37.30
C LEU E 87 -16.50 -27.20 36.54
N HIS E 88 -15.92 -26.64 35.47
CA HIS E 88 -14.98 -27.45 34.67
C HIS E 88 -13.61 -27.66 35.33
N ALA E 89 -13.25 -26.77 36.23
CA ALA E 89 -11.95 -26.89 36.91
C ALA E 89 -12.11 -27.71 38.23
N TYR E 90 -12.81 -27.15 39.21
CA TYR E 90 -13.00 -27.84 40.49
C TYR E 90 -13.79 -29.14 40.42
N ILE E 91 -14.98 -29.09 39.85
CA ILE E 91 -15.85 -30.25 39.81
C ILE E 91 -15.51 -31.31 38.79
N LEU E 92 -15.18 -30.87 37.58
CA LEU E 92 -14.93 -31.80 36.50
C LEU E 92 -13.49 -32.17 36.20
N ARG E 93 -12.55 -31.31 36.56
CA ARG E 93 -11.14 -31.62 36.31
C ARG E 93 -10.79 -32.03 34.85
N VAL E 94 -11.29 -31.26 33.89
CA VAL E 94 -11.08 -31.55 32.47
C VAL E 94 -9.73 -31.13 31.98
N ASP E 95 -8.93 -32.06 31.45
CA ASP E 95 -7.62 -31.65 30.93
C ASP E 95 -7.81 -30.57 29.84
N PRO E 96 -6.98 -29.52 29.89
CA PRO E 96 -6.97 -28.39 28.97
C PRO E 96 -6.97 -28.70 27.48
N VAL E 97 -6.24 -29.73 27.07
CA VAL E 97 -6.15 -30.16 25.66
C VAL E 97 -7.53 -30.37 24.99
N ASN E 98 -8.48 -30.83 25.81
CA ASN E 98 -9.82 -31.13 25.33
C ASN E 98 -10.61 -29.96 24.82
N PHE E 99 -10.33 -28.79 25.38
CA PHE E 99 -11.09 -27.60 24.99
C PHE E 99 -10.92 -27.21 23.55
N LYS E 100 -9.69 -27.28 23.07
CA LYS E 100 -9.44 -26.91 21.68
C LYS E 100 -10.07 -27.91 20.74
N LEU E 101 -10.24 -29.17 21.16
CA LEU E 101 -10.92 -30.14 20.28
C LEU E 101 -12.40 -29.74 20.08
N LEU E 102 -13.07 -29.34 21.17
CA LEU E 102 -14.47 -28.93 21.05
C LEU E 102 -14.56 -27.69 20.18
N SER E 103 -13.69 -26.72 20.39
CA SER E 103 -13.75 -25.48 19.59
C SER E 103 -13.63 -25.77 18.10
N HIS E 104 -12.67 -26.59 17.78
CA HIS E 104 -12.41 -26.98 16.39
C HIS E 104 -13.70 -27.55 15.82
N CYS E 105 -14.35 -28.46 16.57
CA CYS E 105 -15.60 -29.06 16.10
C CYS E 105 -16.79 -28.07 15.95
N LEU E 106 -16.86 -27.06 16.83
CA LEU E 106 -17.91 -26.07 16.69
C LEU E 106 -17.56 -25.27 15.39
N LEU E 107 -16.27 -24.95 15.17
CA LEU E 107 -15.87 -24.19 13.97
C LEU E 107 -16.24 -24.92 12.69
N VAL E 108 -16.03 -26.22 12.68
CA VAL E 108 -16.33 -27.04 11.51
C VAL E 108 -17.83 -26.98 11.31
N THR E 109 -18.57 -27.06 12.40
CA THR E 109 -20.01 -27.01 12.33
C THR E 109 -20.53 -25.71 11.73
N LEU E 110 -19.96 -24.57 12.16
CA LEU E 110 -20.38 -23.27 11.64
C LEU E 110 -20.00 -23.09 10.20
N ALA E 111 -18.84 -23.61 9.82
CA ALA E 111 -18.41 -23.51 8.41
C ALA E 111 -19.36 -24.29 7.51
N ALA E 112 -19.80 -25.45 7.96
CA ALA E 112 -20.72 -26.21 7.12
C ALA E 112 -22.15 -25.65 7.14
N ARG E 113 -22.52 -24.98 8.22
CA ARG E 113 -23.89 -24.47 8.34
C ARG E 113 -24.11 -23.08 7.73
N PHE E 114 -23.10 -22.23 7.81
CA PHE E 114 -23.22 -20.85 7.30
C PHE E 114 -22.03 -20.55 6.37
N PRO E 115 -21.96 -21.23 5.23
CA PRO E 115 -20.79 -20.92 4.37
C PRO E 115 -20.56 -19.47 3.92
N ALA E 116 -21.64 -18.72 3.63
CA ALA E 116 -21.50 -17.34 3.16
C ALA E 116 -20.99 -16.43 4.25
N ASP E 117 -21.41 -16.71 5.47
CA ASP E 117 -20.96 -15.92 6.59
C ASP E 117 -19.61 -16.33 7.11
N PHE E 118 -19.23 -17.59 6.93
CA PHE E 118 -17.96 -18.09 7.48
C PHE E 118 -16.74 -17.81 6.58
N THR E 119 -16.41 -16.54 6.45
CA THR E 119 -15.26 -16.11 5.64
C THR E 119 -14.04 -16.32 6.47
N ALA E 120 -12.85 -16.08 5.90
CA ALA E 120 -11.63 -16.26 6.67
C ALA E 120 -11.65 -15.27 7.82
N GLU E 121 -12.13 -14.05 7.58
CA GLU E 121 -12.15 -13.09 8.68
C GLU E 121 -13.08 -13.55 9.82
N ALA E 122 -14.24 -14.10 9.48
CA ALA E 122 -15.20 -14.57 10.51
C ALA E 122 -14.62 -15.80 11.24
N HIS E 123 -13.98 -16.69 10.47
CA HIS E 123 -13.31 -17.91 10.99
C HIS E 123 -12.30 -17.41 12.02
N ALA E 124 -11.48 -16.41 11.65
CA ALA E 124 -10.52 -15.92 12.64
C ALA E 124 -11.18 -15.35 13.87
N ALA E 125 -12.28 -14.59 13.70
CA ALA E 125 -12.96 -14.00 14.87
C ALA E 125 -13.50 -15.10 15.82
N TRP E 126 -14.17 -16.11 15.24
CA TRP E 126 -14.69 -17.21 16.03
C TRP E 126 -13.58 -18.03 16.72
N ASP E 127 -12.45 -18.25 16.04
CA ASP E 127 -11.38 -19.01 16.66
C ASP E 127 -10.90 -18.20 17.87
N LYS E 128 -10.72 -16.91 17.70
CA LYS E 128 -10.28 -16.10 18.84
C LYS E 128 -11.33 -16.07 19.98
N PHE E 129 -12.60 -15.92 19.63
CA PHE E 129 -13.67 -15.89 20.63
C PHE E 129 -13.71 -17.21 21.41
N LEU E 130 -13.69 -18.33 20.68
CA LEU E 130 -13.69 -19.63 21.38
C LEU E 130 -12.38 -19.86 22.15
N SER E 131 -11.25 -19.24 21.73
CA SER E 131 -10.02 -19.41 22.56
C SER E 131 -10.16 -18.63 23.85
N VAL E 132 -10.82 -17.48 23.80
CA VAL E 132 -11.03 -16.71 25.05
C VAL E 132 -11.95 -17.53 25.94
N VAL E 133 -13.00 -18.09 25.34
CA VAL E 133 -13.92 -18.92 26.13
C VAL E 133 -13.21 -20.09 26.79
N SER E 134 -12.33 -20.78 26.05
CA SER E 134 -11.58 -21.92 26.57
C SER E 134 -10.63 -21.45 27.67
N SER E 135 -9.96 -20.33 27.44
CA SER E 135 -9.04 -19.86 28.51
C SER E 135 -9.79 -19.60 29.77
N VAL E 136 -10.93 -18.94 29.66
CA VAL E 136 -11.68 -18.64 30.87
C VAL E 136 -12.10 -19.91 31.62
N LEU E 137 -12.57 -20.89 30.87
CA LEU E 137 -13.04 -22.16 31.43
C LEU E 137 -11.93 -23.00 32.03
N THR E 138 -10.69 -22.69 31.69
CA THR E 138 -9.56 -23.45 32.22
C THR E 138 -8.71 -22.64 33.22
N GLU E 139 -9.15 -21.45 33.63
CA GLU E 139 -8.35 -20.68 34.59
C GLU E 139 -8.84 -20.84 36.02
N HIS F 2 -5.46 -47.37 11.18
CA HIS F 2 -5.60 -46.75 9.83
C HIS F 2 -7.07 -46.38 9.49
N LEU F 3 -7.47 -46.55 8.23
CA LEU F 3 -8.86 -46.27 7.80
C LEU F 3 -9.59 -47.53 7.36
N THR F 4 -10.84 -47.68 7.84
CA THR F 4 -11.67 -48.83 7.52
C THR F 4 -12.10 -48.61 6.11
N PRO F 5 -12.62 -49.65 5.42
CA PRO F 5 -13.07 -49.50 4.04
C PRO F 5 -14.14 -48.43 3.86
N VAL F 6 -15.02 -48.29 4.85
CA VAL F 6 -16.03 -47.27 4.76
C VAL F 6 -15.33 -45.91 4.77
N GLU F 7 -14.41 -45.72 5.70
CA GLU F 7 -13.73 -44.42 5.79
C GLU F 7 -12.91 -44.09 4.57
N LYS F 8 -12.13 -45.07 4.12
CA LYS F 8 -11.29 -44.89 2.95
C LYS F 8 -12.15 -44.60 1.72
N SER F 9 -13.23 -45.36 1.51
CA SER F 9 -14.07 -45.06 0.34
C SER F 9 -14.72 -43.72 0.50
N ALA F 10 -15.04 -43.31 1.73
CA ALA F 10 -15.70 -42.01 1.85
C ALA F 10 -14.73 -40.84 1.58
N VAL F 11 -13.51 -40.86 2.12
CA VAL F 11 -12.61 -39.74 1.82
C VAL F 11 -12.26 -39.69 0.33
N THR F 12 -12.08 -40.86 -0.27
CA THR F 12 -11.75 -40.95 -1.69
C THR F 12 -12.88 -40.43 -2.56
N ALA F 13 -14.09 -40.86 -2.26
CA ALA F 13 -15.23 -40.41 -3.01
C ALA F 13 -15.42 -38.90 -2.94
N LEU F 14 -15.28 -38.29 -1.74
CA LEU F 14 -15.45 -36.83 -1.66
C LEU F 14 -14.28 -36.09 -2.26
N TRP F 15 -13.07 -36.60 -2.08
CA TRP F 15 -11.90 -35.93 -2.63
C TRP F 15 -12.04 -35.74 -4.14
N GLY F 16 -12.70 -36.70 -4.76
CA GLY F 16 -12.94 -36.67 -6.20
C GLY F 16 -13.80 -35.51 -6.65
N LYS F 17 -14.50 -34.88 -5.71
CA LYS F 17 -15.33 -33.72 -6.05
C LYS F 17 -14.67 -32.44 -5.59
N VAL F 18 -13.43 -32.53 -5.13
CA VAL F 18 -12.71 -31.34 -4.64
C VAL F 18 -12.09 -30.51 -5.76
N ASN F 19 -12.35 -29.20 -5.79
CA ASN F 19 -11.68 -28.36 -6.80
C ASN F 19 -10.19 -28.16 -6.45
N VAL F 20 -9.33 -28.95 -7.07
CA VAL F 20 -7.89 -28.87 -6.85
C VAL F 20 -7.21 -27.55 -7.10
N ASP F 21 -7.84 -26.63 -7.82
CA ASP F 21 -7.22 -25.33 -8.05
C ASP F 21 -7.59 -24.32 -6.95
N GLU F 22 -8.57 -24.67 -6.12
CA GLU F 22 -9.06 -23.73 -5.12
C GLU F 22 -8.97 -24.10 -3.63
N VAL F 23 -9.26 -25.36 -3.31
CA VAL F 23 -9.24 -25.83 -1.91
C VAL F 23 -7.93 -25.59 -1.19
N GLY F 24 -6.81 -25.93 -1.84
CA GLY F 24 -5.52 -25.69 -1.20
C GLY F 24 -5.28 -24.20 -0.91
N GLY F 25 -5.66 -23.36 -1.86
CA GLY F 25 -5.49 -21.91 -1.67
C GLY F 25 -6.39 -21.37 -0.57
N GLU F 26 -7.61 -21.89 -0.47
CA GLU F 26 -8.52 -21.44 0.59
C GLU F 26 -7.93 -21.84 1.94
N ALA F 27 -7.41 -23.06 2.04
CA ALA F 27 -6.82 -23.51 3.31
C ALA F 27 -5.61 -22.70 3.75
N LEU F 28 -4.69 -22.46 2.82
CA LEU F 28 -3.48 -21.76 3.19
C LEU F 28 -3.83 -20.33 3.60
N GLY F 29 -4.74 -19.73 2.85
CA GLY F 29 -5.17 -18.37 3.13
C GLY F 29 -5.75 -18.24 4.53
N ARG F 30 -6.62 -19.18 4.88
CA ARG F 30 -7.27 -19.15 6.18
C ARG F 30 -6.24 -19.39 7.25
N LEU F 31 -5.24 -20.23 6.98
CA LEU F 31 -4.19 -20.47 7.96
C LEU F 31 -3.49 -19.13 8.28
N LEU F 32 -3.20 -18.38 7.24
CA LEU F 32 -2.51 -17.10 7.38
C LEU F 32 -3.38 -16.02 8.07
N VAL F 33 -4.69 -16.09 7.87
CA VAL F 33 -5.60 -15.13 8.49
C VAL F 33 -5.87 -15.55 9.93
N VAL F 34 -6.14 -16.85 10.13
CA VAL F 34 -6.44 -17.35 11.51
C VAL F 34 -5.24 -17.45 12.43
N TYR F 35 -4.09 -17.84 11.89
CA TYR F 35 -2.89 -17.97 12.71
C TYR F 35 -1.78 -17.04 12.11
N PRO F 36 -1.94 -15.70 12.24
CA PRO F 36 -1.04 -14.66 11.73
C PRO F 36 0.43 -14.87 12.03
N TRP F 37 0.75 -15.58 13.10
CA TRP F 37 2.14 -15.89 13.34
C TRP F 37 2.69 -16.66 12.13
N THR F 38 1.89 -17.55 11.53
CA THR F 38 2.35 -18.33 10.37
C THR F 38 2.80 -17.49 9.14
N GLN F 39 2.41 -16.22 9.11
CA GLN F 39 2.82 -15.33 8.01
C GLN F 39 4.37 -15.19 7.99
N ARG F 40 5.00 -15.42 9.12
CA ARG F 40 6.44 -15.28 9.18
C ARG F 40 7.16 -16.19 8.21
N PHE F 41 6.51 -17.24 7.72
CA PHE F 41 7.15 -18.17 6.78
C PHE F 41 6.94 -17.83 5.29
N PHE F 42 6.10 -16.85 4.99
CA PHE F 42 5.79 -16.51 3.58
C PHE F 42 5.92 -15.00 3.26
N GLU F 43 6.84 -14.32 3.94
CA GLU F 43 7.07 -12.88 3.76
C GLU F 43 7.40 -12.49 2.32
N SER F 44 7.72 -13.50 1.50
CA SER F 44 8.07 -13.29 0.11
C SER F 44 6.81 -13.28 -0.74
N PHE F 45 5.68 -13.63 -0.14
CA PHE F 45 4.41 -13.72 -0.85
C PHE F 45 3.80 -12.33 -1.09
N GLY F 46 4.39 -11.32 -0.45
CA GLY F 46 3.89 -9.99 -0.65
C GLY F 46 2.93 -9.46 0.39
N ASP F 47 1.79 -8.99 -0.11
CA ASP F 47 0.76 -8.37 0.72
C ASP F 47 -0.23 -9.37 1.37
N LEU F 48 -0.10 -9.48 2.68
CA LEU F 48 -0.93 -10.35 3.49
C LEU F 48 -1.40 -9.43 4.59
N SER F 49 -1.62 -8.17 4.21
CA SER F 49 -2.01 -7.12 5.16
C SER F 49 -3.43 -7.18 5.68
N THR F 50 -4.32 -7.88 4.98
CA THR F 50 -5.70 -7.99 5.42
C THR F 50 -6.32 -9.29 4.97
N PRO F 51 -7.43 -9.68 5.61
CA PRO F 51 -8.10 -10.93 5.23
C PRO F 51 -8.40 -10.99 3.73
N ASP F 52 -8.89 -9.89 3.17
CA ASP F 52 -9.19 -9.93 1.76
C ASP F 52 -7.89 -9.95 0.96
N ALA F 53 -6.86 -9.28 1.47
CA ALA F 53 -5.59 -9.28 0.74
C ALA F 53 -5.02 -10.70 0.72
N VAL F 54 -5.17 -11.41 1.83
CA VAL F 54 -4.64 -12.75 1.88
C VAL F 54 -5.41 -13.71 1.02
N MET F 55 -6.73 -13.61 1.05
CA MET F 55 -7.51 -14.55 0.26
C MET F 55 -7.50 -14.23 -1.24
N GLY F 56 -6.87 -13.13 -1.59
CA GLY F 56 -6.83 -12.75 -3.00
C GLY F 56 -5.40 -12.81 -3.52
N ASN F 57 -4.48 -12.97 -2.59
CA ASN F 57 -3.07 -13.04 -2.91
C ASN F 57 -2.79 -14.19 -3.88
N PRO F 58 -2.28 -13.88 -5.09
CA PRO F 58 -1.99 -14.93 -6.10
C PRO F 58 -0.93 -16.00 -5.76
N LYS F 59 0.06 -15.64 -4.95
CA LYS F 59 1.11 -16.60 -4.57
C LYS F 59 0.51 -17.62 -3.57
N VAL F 60 -0.42 -17.14 -2.75
CA VAL F 60 -1.06 -18.02 -1.78
C VAL F 60 -1.87 -19.04 -2.53
N LYS F 61 -2.62 -18.60 -3.53
CA LYS F 61 -3.43 -19.55 -4.25
C LYS F 61 -2.59 -20.66 -4.95
N ALA F 62 -1.43 -20.25 -5.46
CA ALA F 62 -0.55 -21.15 -6.21
C ALA F 62 0.15 -22.13 -5.32
N HIS F 63 0.71 -21.62 -4.24
CA HIS F 63 1.38 -22.51 -3.30
C HIS F 63 0.36 -23.48 -2.70
N GLY F 64 -0.85 -22.97 -2.41
CA GLY F 64 -1.86 -23.85 -1.83
C GLY F 64 -2.19 -25.01 -2.76
N LYS F 65 -2.05 -24.76 -4.06
CA LYS F 65 -2.35 -25.80 -5.03
C LYS F 65 -1.32 -26.93 -4.88
N LYS F 66 -0.07 -26.56 -4.68
CA LYS F 66 0.95 -27.58 -4.45
C LYS F 66 0.69 -28.30 -3.09
N VAL F 67 0.32 -27.54 -2.05
CA VAL F 67 0.02 -28.15 -0.72
C VAL F 67 -1.03 -29.23 -0.91
N LEU F 68 -2.10 -28.89 -1.64
CA LEU F 68 -3.20 -29.82 -1.92
C LEU F 68 -2.71 -31.02 -2.69
N GLY F 69 -1.82 -30.78 -3.66
CA GLY F 69 -1.26 -31.88 -4.45
C GLY F 69 -0.54 -32.84 -3.54
N ALA F 70 0.14 -32.31 -2.53
CA ALA F 70 0.83 -33.18 -1.57
C ALA F 70 -0.22 -34.03 -0.81
N PHE F 71 -1.29 -33.40 -0.34
CA PHE F 71 -2.33 -34.17 0.36
C PHE F 71 -2.94 -35.22 -0.55
N SER F 72 -3.14 -34.89 -1.83
CA SER F 72 -3.71 -35.90 -2.77
C SER F 72 -2.74 -37.09 -2.90
N ASP F 73 -1.44 -36.81 -2.99
CA ASP F 73 -0.50 -37.91 -3.02
C ASP F 73 -0.65 -38.74 -1.71
N GLY F 74 -0.78 -38.07 -0.55
CA GLY F 74 -0.98 -38.80 0.69
C GLY F 74 -2.22 -39.68 0.63
N LEU F 75 -3.28 -39.12 0.07
CA LEU F 75 -4.54 -39.82 -0.04
C LEU F 75 -4.40 -41.04 -0.89
N ALA F 76 -3.41 -41.00 -1.79
CA ALA F 76 -3.15 -42.09 -2.67
C ALA F 76 -2.19 -43.09 -2.10
N HIS F 77 -1.58 -42.77 -0.95
CA HIS F 77 -0.62 -43.70 -0.34
C HIS F 77 -0.81 -43.78 1.17
N LEU F 78 -2.05 -43.94 1.61
CA LEU F 78 -2.35 -43.94 3.05
C LEU F 78 -1.51 -44.89 3.87
N ASP F 79 -1.12 -45.99 3.26
CA ASP F 79 -0.34 -46.99 3.95
C ASP F 79 1.16 -46.74 4.00
N ASN F 80 1.62 -45.65 3.40
CA ASN F 80 3.05 -45.33 3.42
C ASN F 80 3.21 -43.82 3.36
N LEU F 81 2.67 -43.16 4.36
CA LEU F 81 2.76 -41.71 4.46
C LEU F 81 4.17 -41.28 4.85
N LYS F 82 4.80 -42.02 5.74
CA LYS F 82 6.14 -41.61 6.13
C LYS F 82 7.12 -41.62 4.98
N GLY F 83 6.99 -42.62 4.10
CA GLY F 83 7.89 -42.69 2.99
C GLY F 83 7.51 -41.65 1.99
N THR F 84 6.22 -41.46 1.82
CA THR F 84 5.77 -40.49 0.85
C THR F 84 6.20 -39.07 1.21
N PHE F 85 6.25 -38.72 2.48
CA PHE F 85 6.55 -37.33 2.86
C PHE F 85 7.94 -37.10 3.40
N ALA F 86 8.75 -38.15 3.37
CA ALA F 86 10.12 -38.08 3.87
C ALA F 86 10.91 -36.90 3.27
N THR F 87 10.81 -36.70 1.97
CA THR F 87 11.55 -35.57 1.41
C THR F 87 10.94 -34.21 1.85
N LEU F 88 9.61 -34.10 1.84
CA LEU F 88 9.04 -32.84 2.28
C LEU F 88 9.31 -32.63 3.75
N SER F 89 9.39 -33.70 4.54
CA SER F 89 9.66 -33.55 5.98
C SER F 89 11.05 -32.92 6.19
N GLU F 90 12.05 -33.42 5.45
CA GLU F 90 13.40 -32.90 5.55
C GLU F 90 13.44 -31.44 5.14
N LEU F 91 12.68 -31.12 4.10
CA LEU F 91 12.58 -29.77 3.60
C LEU F 91 12.04 -28.85 4.71
N HIS F 92 10.86 -29.19 5.22
CA HIS F 92 10.25 -28.36 6.25
C HIS F 92 11.13 -28.26 7.50
N CYS F 93 11.89 -29.29 7.81
CA CYS F 93 12.76 -29.19 8.98
C CYS F 93 14.04 -28.40 8.66
N ASP F 94 14.80 -28.94 7.70
CA ASP F 94 16.10 -28.38 7.33
C ASP F 94 16.17 -27.02 6.74
N LYS F 95 15.31 -26.73 5.78
CA LYS F 95 15.32 -25.45 5.12
C LYS F 95 14.30 -24.47 5.52
N LEU F 96 13.10 -24.92 5.88
CA LEU F 96 12.05 -23.94 6.20
C LEU F 96 11.92 -23.65 7.70
N HIS F 97 12.48 -24.54 8.52
CA HIS F 97 12.46 -24.37 9.99
C HIS F 97 11.04 -24.20 10.53
N VAL F 98 10.13 -25.01 10.03
CA VAL F 98 8.75 -24.92 10.51
C VAL F 98 8.52 -25.83 11.74
N ASP F 99 8.08 -25.24 12.85
CA ASP F 99 7.74 -25.99 14.09
C ASP F 99 6.61 -26.89 13.61
N PRO F 100 6.77 -28.23 13.66
CA PRO F 100 5.71 -29.17 13.18
C PRO F 100 4.33 -29.04 13.81
N GLU F 101 4.21 -28.28 14.90
CA GLU F 101 2.90 -28.09 15.54
C GLU F 101 2.01 -27.31 14.55
N ASN F 102 2.63 -26.53 13.66
CA ASN F 102 1.89 -25.78 12.67
C ASN F 102 1.20 -26.72 11.65
N PHE F 103 1.70 -27.95 11.46
CA PHE F 103 1.07 -28.91 10.55
C PHE F 103 -0.35 -29.22 10.97
N ARG F 104 -0.54 -29.36 12.28
CA ARG F 104 -1.83 -29.66 12.88
C ARG F 104 -2.79 -28.50 12.58
N LEU F 105 -2.28 -27.28 12.71
CA LEU F 105 -3.10 -26.10 12.42
C LEU F 105 -3.57 -26.10 10.95
N LEU F 106 -2.68 -26.40 10.00
CA LEU F 106 -3.15 -26.38 8.59
C LEU F 106 -4.17 -27.52 8.38
N GLY F 107 -3.92 -28.66 9.04
CA GLY F 107 -4.82 -29.79 8.89
C GLY F 107 -6.22 -29.41 9.38
N ASN F 108 -6.28 -28.76 10.53
CA ASN F 108 -7.54 -28.32 11.06
C ASN F 108 -8.24 -27.31 10.15
N VAL F 109 -7.47 -26.40 9.55
CA VAL F 109 -8.06 -25.40 8.66
C VAL F 109 -8.55 -26.10 7.39
N LEU F 110 -7.80 -27.09 6.92
CA LEU F 110 -8.17 -27.83 5.73
C LEU F 110 -9.54 -28.52 5.98
N VAL F 111 -9.69 -29.12 7.15
CA VAL F 111 -10.96 -29.76 7.51
C VAL F 111 -12.05 -28.69 7.52
N CYS F 112 -11.77 -27.47 8.01
CA CYS F 112 -12.84 -26.45 8.00
C CYS F 112 -13.23 -26.06 6.56
N VAL F 113 -12.27 -26.06 5.65
CA VAL F 113 -12.53 -25.71 4.27
C VAL F 113 -13.39 -26.75 3.59
N LEU F 114 -13.16 -28.02 3.93
CA LEU F 114 -13.94 -29.11 3.31
C LEU F 114 -15.38 -29.03 3.80
N ALA F 115 -15.52 -28.67 5.08
CA ALA F 115 -16.83 -28.55 5.73
C ALA F 115 -17.56 -27.43 5.02
N HIS F 116 -16.82 -26.36 4.76
CA HIS F 116 -17.33 -25.19 4.10
C HIS F 116 -17.83 -25.51 2.70
N HIS F 117 -17.07 -26.29 1.95
CA HIS F 117 -17.48 -26.64 0.60
C HIS F 117 -18.55 -27.72 0.51
N PHE F 118 -18.49 -28.72 1.37
CA PHE F 118 -19.47 -29.79 1.27
C PHE F 118 -20.74 -29.71 2.13
N GLY F 119 -20.78 -28.77 3.06
CA GLY F 119 -21.96 -28.61 3.89
C GLY F 119 -22.44 -29.87 4.60
N LYS F 120 -23.74 -30.12 4.47
CA LYS F 120 -24.43 -31.29 5.07
C LYS F 120 -23.72 -32.58 4.72
N GLU F 121 -23.12 -32.64 3.53
CA GLU F 121 -22.40 -33.85 3.09
C GLU F 121 -21.17 -34.21 3.95
N PHE F 122 -20.57 -33.20 4.54
CA PHE F 122 -19.38 -33.41 5.38
C PHE F 122 -19.86 -33.76 6.78
N THR F 123 -20.42 -34.97 6.91
CA THR F 123 -21.00 -35.46 8.14
C THR F 123 -19.94 -35.77 9.20
N PRO F 124 -20.41 -35.94 10.44
CA PRO F 124 -19.46 -36.24 11.50
C PRO F 124 -18.59 -37.49 11.17
N PRO F 125 -19.18 -38.58 10.62
CA PRO F 125 -18.24 -39.69 10.34
C PRO F 125 -17.27 -39.33 9.18
N VAL F 126 -17.70 -38.51 8.23
CA VAL F 126 -16.79 -38.17 7.14
C VAL F 126 -15.61 -37.34 7.67
N GLN F 127 -15.95 -36.44 8.61
CA GLN F 127 -14.96 -35.58 9.21
C GLN F 127 -13.95 -36.42 9.97
N ALA F 128 -14.46 -37.38 10.72
CA ALA F 128 -13.64 -38.27 11.54
C ALA F 128 -12.66 -39.05 10.66
N ALA F 129 -13.06 -39.37 9.43
CA ALA F 129 -12.13 -40.08 8.54
C ALA F 129 -11.07 -39.14 8.01
N TYR F 130 -11.45 -37.91 7.69
CA TYR F 130 -10.51 -36.90 7.17
C TYR F 130 -9.58 -36.45 8.29
N GLN F 131 -10.07 -36.47 9.54
CA GLN F 131 -9.17 -36.08 10.65
C GLN F 131 -8.03 -37.13 10.76
N LYS F 132 -8.34 -38.39 10.53
CA LYS F 132 -7.30 -39.42 10.62
C LYS F 132 -6.27 -39.15 9.50
N VAL F 133 -6.75 -38.70 8.35
CA VAL F 133 -5.88 -38.40 7.25
C VAL F 133 -4.97 -37.22 7.51
N VAL F 134 -5.52 -36.08 7.92
CA VAL F 134 -4.70 -34.94 8.16
C VAL F 134 -3.74 -35.15 9.33
N ALA F 135 -4.12 -35.93 10.32
CA ALA F 135 -3.23 -36.19 11.47
C ALA F 135 -2.09 -37.08 10.93
N GLY F 136 -2.47 -38.01 10.06
CA GLY F 136 -1.52 -38.92 9.43
C GLY F 136 -0.52 -38.16 8.58
N VAL F 137 -1.00 -37.22 7.77
CA VAL F 137 -0.08 -36.42 6.96
C VAL F 137 0.82 -35.53 7.85
N ALA F 138 0.23 -34.86 8.87
CA ALA F 138 1.00 -34.03 9.78
C ALA F 138 2.13 -34.85 10.47
N ASN F 139 1.77 -36.03 10.96
CA ASN F 139 2.73 -36.92 11.61
C ASN F 139 3.89 -37.33 10.65
N ALA F 140 3.54 -37.62 9.42
CA ALA F 140 4.52 -38.01 8.41
C ALA F 140 5.46 -36.81 8.07
N LEU F 141 4.88 -35.62 7.98
CA LEU F 141 5.68 -34.46 7.65
C LEU F 141 6.62 -34.06 8.80
N ALA F 142 6.33 -34.54 10.02
CA ALA F 142 7.16 -34.23 11.16
C ALA F 142 8.20 -35.34 11.39
N HIS F 143 8.04 -36.43 10.68
CA HIS F 143 8.84 -37.62 10.92
C HIS F 143 10.35 -37.48 10.79
N LYS F 144 10.82 -36.77 9.79
CA LYS F 144 12.26 -36.65 9.62
C LYS F 144 12.92 -35.53 10.41
N TYR F 145 12.14 -34.84 11.27
CA TYR F 145 12.75 -33.79 12.05
C TYR F 145 13.90 -34.31 12.96
N HIS F 146 14.98 -33.55 13.04
CA HIS F 146 16.18 -33.97 13.79
C HIS F 146 16.96 -32.75 14.26
#